data_6FDW
#
_entry.id   6FDW
#
_cell.length_a   111.690
_cell.length_b   119.260
_cell.length_c   67.970
_cell.angle_alpha   90.00
_cell.angle_beta   108.38
_cell.angle_gamma   90.00
#
_symmetry.space_group_name_H-M   'C 1 2 1'
#
loop_
_entity.id
_entity.type
_entity.pdbx_description
1 polymer Phosphodiesterase
2 non-polymer '(4aS,8aR)-2-(1-{2-aminothieno[2,3-d]pyrimidin-4-yl}piperidin-4-yl)-4-(3,4- dimethoxyphenyl)-1,2,4a,5,8,8a-hexahydrophthalazin-1-one'
3 non-polymer 'ZINC ION'
4 non-polymer 'MAGNESIUM ION'
5 non-polymer GUANIDINE
6 non-polymer GLYCEROL
7 water water
#
_entity_poly.entity_id   1
_entity_poly.type   'polypeptide(L)'
_entity_poly.pdbx_seq_one_letter_code
;GSHMASELNEHRATLFNKNVPSRAVKRVTAITKVEREAVLVCELPSFDVTDVEFDLFRARESTDKPLDVAAAIAYRLLLG
SGLPQKFGCSDEVLLNFILQCRKKYRNVPYHNFYHVVDVCQTIHTFLYRGNVYEKLTELECFVLLITALVHDLDHMGLNN
SFYLKTESPLGILSSASGNTSVLEVHHCNLAVEILSDPESDVFDGLEGAERTLAFRSMIDCVLATDMAKHGSALEAFLAS
AADQSSDEAAFHRMTMEIILKAGDISNVTKPFDISRQWAMAVTEEFYRQGDMEKERGVEVLPMFDRSKNMELAKGQIGFI
DFVAAPFFQKIVDACLQGMQWTVDRIKSNRAQWERVLETR
;
_entity_poly.pdbx_strand_id   A,B
#
loop_
_chem_comp.id
_chem_comp.type
_chem_comp.name
_chem_comp.formula
D62 non-polymer '(4aS,8aR)-2-(1-{2-aminothieno[2,3-d]pyrimidin-4-yl}piperidin-4-yl)-4-(3,4- dimethoxyphenyl)-1,2,4a,5,8,8a-hexahydrophthalazin-1-one' 'C27 H30 N6 O3 S'
GAI non-polymer GUANIDINE 'C H5 N3'
GOL non-polymer GLYCEROL 'C3 H8 O3'
MG non-polymer 'MAGNESIUM ION' 'Mg 2'
ZN non-polymer 'ZINC ION' 'Zn 2'
#
# COMPACT_ATOMS: atom_id res chain seq x y z
N VAL A 28 34.03 30.34 -3.31
CA VAL A 28 33.27 29.65 -2.23
C VAL A 28 34.26 29.40 -1.08
N THR A 29 33.91 29.86 0.13
CA THR A 29 34.64 29.53 1.35
C THR A 29 34.75 28.04 1.52
N ALA A 30 35.81 27.58 2.17
CA ALA A 30 36.07 26.16 2.37
C ALA A 30 35.24 25.61 3.49
N ILE A 31 35.09 24.31 3.44
CA ILE A 31 34.32 23.59 4.38
C ILE A 31 35.24 23.27 5.51
N THR A 32 34.94 23.91 6.63
CA THR A 32 35.67 23.75 7.88
C THR A 32 35.54 22.34 8.40
N LYS A 33 36.50 21.90 9.19
CA LYS A 33 36.44 20.53 9.65
C LYS A 33 35.35 20.20 10.62
N VAL A 34 34.80 21.18 11.31
CA VAL A 34 33.76 20.83 12.24
C VAL A 34 32.47 20.58 11.49
N GLU A 35 32.29 21.29 10.39
CA GLU A 35 31.16 21.12 9.51
C GLU A 35 31.21 19.69 9.07
N ARG A 36 32.38 19.30 8.59
CA ARG A 36 32.60 17.95 8.12
C ARG A 36 32.31 16.98 9.21
N GLU A 37 33.05 17.09 10.32
CA GLU A 37 32.92 16.19 11.44
C GLU A 37 31.51 16.03 11.98
N ALA A 38 30.77 17.13 12.02
CA ALA A 38 29.40 17.09 12.40
C ALA A 38 28.68 16.12 11.51
N VAL A 39 28.81 16.18 10.19
CA VAL A 39 28.08 15.21 9.39
C VAL A 39 28.51 13.78 9.69
N LEU A 40 29.80 13.57 9.89
CA LEU A 40 30.32 12.25 10.18
C LEU A 40 29.80 11.57 11.41
N VAL A 41 29.51 12.34 12.47
CA VAL A 41 28.99 11.75 13.70
C VAL A 41 27.63 11.09 13.61
N CYS A 42 26.78 11.50 12.68
CA CYS A 42 25.47 10.88 12.52
C CYS A 42 25.61 9.39 12.30
N GLU A 43 24.80 8.58 12.96
CA GLU A 43 24.96 7.14 12.85
C GLU A 43 24.00 6.36 11.97
N LEU A 44 22.80 6.89 11.75
CA LEU A 44 21.77 6.25 10.93
C LEU A 44 21.33 4.83 11.30
N PRO A 45 21.19 4.54 12.58
CA PRO A 45 20.75 3.22 12.97
C PRO A 45 19.26 3.13 12.72
N SER A 46 18.80 1.92 12.42
CA SER A 46 17.43 1.52 12.07
C SER A 46 17.00 2.00 10.71
N PHE A 47 17.97 2.29 9.87
CA PHE A 47 17.68 2.74 8.54
C PHE A 47 18.44 2.03 7.47
N ASP A 48 17.78 1.55 6.43
CA ASP A 48 18.49 0.98 5.31
C ASP A 48 18.28 1.98 4.18
N VAL A 49 19.32 2.69 3.79
CA VAL A 49 19.20 3.70 2.75
C VAL A 49 19.06 3.20 1.34
N THR A 50 19.28 1.93 1.11
CA THR A 50 19.17 1.36 -0.21
C THR A 50 17.81 0.77 -0.45
N ASP A 51 16.92 0.84 0.51
CA ASP A 51 15.59 0.25 0.37
C ASP A 51 14.56 1.20 -0.26
N VAL A 52 13.68 0.64 -1.08
CA VAL A 52 12.62 1.37 -1.70
C VAL A 52 11.61 2.00 -0.70
N GLU A 53 11.57 1.50 0.54
CA GLU A 53 10.68 2.01 1.57
C GLU A 53 11.37 2.89 2.59
N PHE A 54 12.66 3.15 2.41
CA PHE A 54 13.32 4.16 3.18
C PHE A 54 12.49 5.42 3.29
N ASP A 55 12.44 5.97 4.51
CA ASP A 55 11.54 7.04 4.86
C ASP A 55 12.34 8.22 5.31
N LEU A 56 12.55 9.19 4.41
CA LEU A 56 13.36 10.36 4.75
C LEU A 56 12.70 11.23 5.78
N PHE A 57 11.36 11.23 5.84
CA PHE A 57 10.68 12.11 6.86
C PHE A 57 11.02 11.64 8.29
N ARG A 58 11.00 10.33 8.48
CA ARG A 58 11.38 9.72 9.74
C ARG A 58 12.83 10.04 10.13
N ALA A 59 13.73 9.95 9.18
CA ALA A 59 15.11 10.36 9.40
C ALA A 59 15.26 11.82 9.81
N ARG A 60 14.51 12.74 9.21
CA ARG A 60 14.55 14.14 9.64
C ARG A 60 14.09 14.35 11.10
N GLU A 61 12.97 13.71 11.47
CA GLU A 61 12.39 13.75 12.83
C GLU A 61 13.21 13.02 13.89
N SER A 62 14.05 12.06 13.51
CA SER A 62 14.78 11.27 14.48
C SER A 62 15.98 11.96 15.18
N THR A 63 16.31 13.21 14.82
CA THR A 63 17.32 13.99 15.55
C THR A 63 17.02 15.45 15.39
N ASP A 64 17.74 16.26 16.16
CA ASP A 64 17.58 17.70 16.14
C ASP A 64 18.43 18.40 15.10
N LYS A 65 19.33 17.68 14.41
CA LYS A 65 20.07 18.27 13.27
C LYS A 65 19.72 17.54 11.95
N PRO A 66 18.52 17.77 11.42
CA PRO A 66 18.11 17.03 10.21
C PRO A 66 19.00 17.31 8.98
N LEU A 67 19.51 18.53 8.87
CA LEU A 67 20.38 18.89 7.77
C LEU A 67 21.70 18.15 7.87
N ASP A 68 21.98 17.56 9.01
CA ASP A 68 23.20 16.82 9.23
C ASP A 68 22.93 15.40 8.86
N VAL A 69 21.75 14.93 9.20
CA VAL A 69 21.38 13.58 8.89
C VAL A 69 21.14 13.41 7.39
N ALA A 70 20.62 14.43 6.75
CA ALA A 70 20.38 14.36 5.32
C ALA A 70 21.70 14.20 4.59
N ALA A 71 22.69 15.00 4.97
CA ALA A 71 24.01 14.96 4.37
C ALA A 71 24.59 13.62 4.54
N ALA A 72 24.38 13.04 5.70
CA ALA A 72 24.91 11.74 5.99
C ALA A 72 24.34 10.66 5.15
N ILE A 73 23.07 10.76 4.81
CA ILE A 73 22.45 9.77 3.98
C ILE A 73 23.08 9.76 2.61
N ALA A 74 23.35 10.93 2.08
CA ALA A 74 23.97 11.07 0.79
C ALA A 74 25.37 10.50 0.80
N TYR A 75 26.15 10.86 1.80
CA TYR A 75 27.51 10.38 1.95
C TYR A 75 27.53 8.90 2.02
N ARG A 76 26.67 8.33 2.83
CA ARG A 76 26.60 6.91 2.94
C ARG A 76 26.15 6.27 1.64
N LEU A 77 25.26 6.90 0.92
CA LEU A 77 24.81 6.32 -0.33
C LEU A 77 25.95 6.26 -1.33
N LEU A 78 26.66 7.35 -1.49
CA LEU A 78 27.75 7.41 -2.43
C LEU A 78 28.91 6.46 -2.13
N LEU A 79 29.37 6.42 -0.89
CA LEU A 79 30.45 5.50 -0.53
C LEU A 79 30.04 4.09 -0.72
N GLY A 80 28.82 3.76 -0.35
CA GLY A 80 28.31 2.42 -0.51
C GLY A 80 28.27 1.90 -1.91
N SER A 81 28.00 2.77 -2.87
CA SER A 81 27.90 2.37 -4.27
C SER A 81 29.19 1.79 -4.83
N GLY A 82 30.27 2.19 -4.22
CA GLY A 82 31.61 1.82 -4.54
C GLY A 82 32.22 2.73 -5.59
N LEU A 83 31.66 3.95 -5.80
CA LEU A 83 31.93 4.70 -7.04
C LEU A 83 32.83 5.92 -6.89
N PRO A 84 32.69 6.69 -5.82
CA PRO A 84 33.72 7.73 -5.79
C PRO A 84 35.15 7.12 -5.75
N GLN A 85 35.29 5.96 -5.10
CA GLN A 85 36.56 5.24 -4.96
C GLN A 85 37.14 4.97 -6.34
N LYS A 86 36.35 4.38 -7.25
CA LYS A 86 36.85 3.97 -8.56
C LYS A 86 37.26 5.14 -9.47
N PHE A 87 36.72 6.36 -9.26
CA PHE A 87 36.97 7.55 -10.08
C PHE A 87 37.83 8.60 -9.36
N GLY A 88 38.57 8.12 -8.36
CA GLY A 88 39.59 8.90 -7.70
C GLY A 88 39.07 9.96 -6.80
N CYS A 89 37.86 9.83 -6.28
CA CYS A 89 37.29 10.92 -5.48
C CYS A 89 37.44 10.41 -4.09
N SER A 90 38.09 11.17 -3.23
CA SER A 90 38.28 10.73 -1.86
C SER A 90 37.08 11.09 -1.03
N ASP A 91 37.01 10.51 0.15
CA ASP A 91 35.93 10.78 1.06
C ASP A 91 35.81 12.23 1.47
N GLU A 92 36.91 12.92 1.65
CA GLU A 92 36.82 14.30 2.07
C GLU A 92 36.34 15.21 0.99
N VAL A 93 36.62 14.86 -0.25
CA VAL A 93 36.15 15.69 -1.32
C VAL A 93 34.68 15.45 -1.46
N LEU A 94 34.27 14.21 -1.29
CA LEU A 94 32.89 13.85 -1.39
C LEU A 94 32.06 14.65 -0.40
N LEU A 95 32.50 14.70 0.85
CA LEU A 95 31.79 15.43 1.89
C LEU A 95 31.71 16.91 1.62
N ASN A 96 32.82 17.48 1.18
CA ASN A 96 32.87 18.88 0.91
C ASN A 96 31.87 19.23 -0.15
N PHE A 97 31.87 18.44 -1.22
CA PHE A 97 30.93 18.64 -2.31
C PHE A 97 29.51 18.68 -1.77
N ILE A 98 29.13 17.69 -0.99
CA ILE A 98 27.80 17.63 -0.45
C ILE A 98 27.46 18.87 0.35
N LEU A 99 28.37 19.24 1.23
CA LEU A 99 28.17 20.41 2.06
C LEU A 99 28.14 21.69 1.26
N GLN A 100 28.89 21.78 0.18
CA GLN A 100 28.79 22.98 -0.63
C GLN A 100 27.43 23.00 -1.30
N CYS A 101 26.93 21.83 -1.69
CA CYS A 101 25.63 21.79 -2.29
C CYS A 101 24.59 22.21 -1.29
N ARG A 102 24.70 21.69 -0.09
CA ARG A 102 23.72 21.96 0.95
C ARG A 102 23.57 23.43 1.28
N LYS A 103 24.66 24.16 1.42
CA LYS A 103 24.61 25.58 1.71
C LYS A 103 23.93 26.33 0.61
N LYS A 104 23.78 25.70 -0.53
CA LYS A 104 23.11 26.39 -1.59
C LYS A 104 21.64 26.10 -1.63
N TYR A 105 21.14 25.28 -0.72
CA TYR A 105 19.71 25.06 -0.70
C TYR A 105 19.04 25.95 0.34
N ARG A 106 17.98 26.62 -0.07
CA ARG A 106 17.22 27.51 0.78
C ARG A 106 16.22 26.82 1.66
N ASN A 107 15.63 27.59 2.56
CA ASN A 107 14.62 27.03 3.41
C ASN A 107 13.27 27.26 2.80
N VAL A 108 12.89 26.39 1.89
CA VAL A 108 11.60 26.43 1.27
C VAL A 108 10.86 25.16 1.63
N PRO A 109 9.55 25.12 1.42
CA PRO A 109 8.85 23.92 1.81
C PRO A 109 9.20 22.65 1.08
N TYR A 110 9.41 22.71 -0.22
CA TYR A 110 9.63 21.48 -1.06
C TYR A 110 11.05 21.42 -1.64
N HIS A 111 11.42 22.41 -2.46
CA HIS A 111 12.71 22.44 -3.12
C HIS A 111 13.86 22.86 -2.27
N ASN A 112 14.02 22.13 -1.21
CA ASN A 112 15.07 22.31 -0.26
C ASN A 112 16.01 21.12 -0.34
N PHE A 113 17.04 21.11 0.47
CA PHE A 113 18.00 20.05 0.44
C PHE A 113 17.45 18.63 0.60
N TYR A 114 16.35 18.47 1.29
CA TYR A 114 15.80 17.09 1.50
C TYR A 114 15.23 16.48 0.19
N HIS A 115 14.57 17.30 -0.62
CA HIS A 115 14.14 16.90 -1.97
C HIS A 115 15.32 16.30 -2.71
N VAL A 116 16.51 16.93 -2.65
CA VAL A 116 17.62 16.46 -3.57
C VAL A 116 18.28 15.25 -3.02
N VAL A 117 18.41 15.17 -1.70
CA VAL A 117 18.82 13.93 -1.08
C VAL A 117 17.81 12.79 -1.36
N ASP A 118 16.53 13.11 -1.35
CA ASP A 118 15.51 12.12 -1.69
C ASP A 118 15.71 11.61 -3.13
N VAL A 119 15.96 12.56 -4.04
CA VAL A 119 16.17 12.23 -5.49
C VAL A 119 17.37 11.37 -5.70
N CYS A 120 18.47 11.73 -5.03
CA CYS A 120 19.67 10.88 -4.93
C CYS A 120 19.42 9.43 -4.46
N GLN A 121 18.75 9.32 -3.32
CA GLN A 121 18.48 7.99 -2.74
C GLN A 121 17.50 7.21 -3.64
N THR A 122 16.57 7.92 -4.26
CA THR A 122 15.57 7.29 -5.08
C THR A 122 16.25 6.74 -6.32
N ILE A 123 17.14 7.56 -6.91
CA ILE A 123 17.89 7.14 -8.11
C ILE A 123 18.72 5.91 -7.88
N HIS A 124 19.36 5.87 -6.74
CA HIS A 124 20.08 4.67 -6.23
C HIS A 124 19.17 3.45 -6.27
N THR A 125 17.94 3.59 -5.79
CA THR A 125 17.06 2.41 -5.83
C THR A 125 16.74 2.05 -7.26
N PHE A 126 16.50 3.02 -8.14
CA PHE A 126 16.26 2.66 -9.56
C PHE A 126 17.43 1.93 -10.23
N LEU A 127 18.64 2.40 -9.98
CA LEU A 127 19.83 1.81 -10.55
C LEU A 127 20.01 0.35 -10.04
N TYR A 128 19.89 0.17 -8.72
CA TYR A 128 20.34 -1.01 -8.00
C TYR A 128 19.24 -1.96 -7.55
N ARG A 129 18.04 -1.48 -7.19
CA ARG A 129 16.89 -2.41 -7.09
C ARG A 129 16.22 -2.62 -8.42
N GLY A 130 16.18 -1.57 -9.23
CA GLY A 130 15.53 -1.69 -10.53
C GLY A 130 16.38 -2.15 -11.70
N ASN A 131 17.65 -2.38 -11.42
CA ASN A 131 18.59 -2.93 -12.37
C ASN A 131 18.91 -2.01 -13.55
N VAL A 132 18.63 -0.73 -13.36
CA VAL A 132 18.92 0.21 -14.39
C VAL A 132 20.41 0.41 -14.54
N TYR A 133 21.19 -0.09 -13.61
CA TYR A 133 22.64 -0.02 -13.68
C TYR A 133 23.19 -0.76 -14.93
N GLU A 134 22.47 -1.78 -15.39
CA GLU A 134 22.84 -2.60 -16.51
C GLU A 134 22.86 -1.82 -17.80
N LYS A 135 22.16 -0.70 -17.85
CA LYS A 135 22.09 0.09 -19.06
C LYS A 135 23.13 1.16 -19.18
N LEU A 136 23.88 1.38 -18.11
CA LEU A 136 24.85 2.44 -18.08
C LEU A 136 26.21 2.02 -17.60
N THR A 137 27.18 2.87 -17.82
CA THR A 137 28.49 2.63 -17.30
C THR A 137 28.58 3.00 -15.82
N GLU A 138 29.64 2.57 -15.18
CA GLU A 138 29.85 2.93 -13.80
C GLU A 138 30.01 4.44 -13.66
N LEU A 139 30.70 5.09 -14.58
CA LEU A 139 30.84 6.51 -14.52
C LEU A 139 29.48 7.19 -14.61
N GLU A 140 28.62 6.72 -15.49
CA GLU A 140 27.30 7.29 -15.65
C GLU A 140 26.50 7.15 -14.37
N CYS A 141 26.60 6.01 -13.72
CA CYS A 141 25.92 5.82 -12.46
C CYS A 141 26.46 6.80 -11.41
N PHE A 142 27.76 7.01 -11.39
CA PHE A 142 28.38 7.94 -10.46
C PHE A 142 27.86 9.35 -10.73
N VAL A 143 27.85 9.75 -11.99
CA VAL A 143 27.36 11.07 -12.41
C VAL A 143 25.92 11.29 -12.00
N LEU A 144 25.06 10.28 -12.19
CA LEU A 144 23.67 10.48 -11.77
C LEU A 144 23.49 10.77 -10.28
N LEU A 145 24.18 10.00 -9.47
CA LEU A 145 24.06 10.20 -8.02
C LEU A 145 24.52 11.62 -7.56
N ILE A 146 25.57 12.13 -8.20
CA ILE A 146 26.09 13.47 -7.94
C ILE A 146 25.14 14.49 -8.45
N THR A 147 24.70 14.29 -9.69
CA THR A 147 23.79 15.22 -10.35
C THR A 147 22.47 15.41 -9.54
N ALA A 148 22.01 14.34 -8.93
CA ALA A 148 20.83 14.45 -8.06
C ALA A 148 21.00 15.62 -7.05
N LEU A 149 22.21 15.72 -6.47
CA LEU A 149 22.46 16.72 -5.43
C LEU A 149 22.56 18.14 -5.87
N VAL A 150 22.89 18.37 -7.14
CA VAL A 150 23.02 19.72 -7.72
C VAL A 150 21.80 20.19 -8.43
N HIS A 151 20.80 19.32 -8.66
CA HIS A 151 19.85 19.59 -9.77
C HIS A 151 18.83 20.70 -9.55
N ASP A 152 18.75 21.20 -8.32
CA ASP A 152 17.86 22.29 -7.97
C ASP A 152 18.57 23.25 -7.02
N LEU A 153 19.83 23.53 -7.26
CA LEU A 153 20.61 24.41 -6.40
C LEU A 153 20.08 25.81 -6.40
N ASP A 154 19.93 26.40 -5.23
CA ASP A 154 19.41 27.74 -5.03
C ASP A 154 17.99 27.98 -5.48
N HIS A 155 17.16 26.94 -5.41
CA HIS A 155 15.77 27.05 -5.78
C HIS A 155 15.07 27.96 -4.78
N MET A 156 14.17 28.81 -5.23
CA MET A 156 13.47 29.73 -4.33
C MET A 156 11.98 29.53 -4.11
N GLY A 157 11.45 28.39 -4.49
CA GLY A 157 10.05 28.12 -4.32
C GLY A 157 9.22 28.72 -5.41
N LEU A 158 9.86 29.26 -6.42
CA LEU A 158 9.17 29.89 -7.50
C LEU A 158 9.55 29.17 -8.76
N ASN A 159 8.58 28.96 -9.61
CA ASN A 159 8.79 28.19 -10.84
C ASN A 159 9.25 29.12 -11.99
N ASN A 160 9.67 28.55 -13.12
CA ASN A 160 10.18 29.32 -14.23
C ASN A 160 9.20 30.36 -14.68
N SER A 161 7.93 30.04 -14.61
CA SER A 161 6.88 30.94 -15.05
C SER A 161 6.86 32.27 -14.32
N PHE A 162 7.19 32.23 -13.04
CA PHE A 162 7.19 33.37 -12.19
C PHE A 162 8.17 34.39 -12.66
N TYR A 163 9.38 33.93 -12.92
CA TYR A 163 10.46 34.78 -13.38
C TYR A 163 10.15 35.46 -14.69
N LEU A 164 9.49 34.76 -15.58
CA LEU A 164 9.14 35.31 -16.85
C LEU A 164 7.95 36.24 -16.81
N LYS A 165 7.09 36.09 -15.82
CA LYS A 165 5.90 36.92 -15.72
C LYS A 165 6.24 38.25 -15.09
N THR A 166 7.12 38.21 -14.13
CA THR A 166 7.49 39.37 -13.39
C THR A 166 8.73 40.04 -13.91
N GLU A 167 9.21 39.54 -15.03
CA GLU A 167 10.39 40.02 -15.67
C GLU A 167 11.49 40.20 -14.66
N SER A 168 11.83 39.18 -13.90
CA SER A 168 12.92 39.29 -12.95
C SER A 168 14.26 39.14 -13.66
N PRO A 169 15.35 39.61 -13.06
CA PRO A 169 16.69 39.52 -13.64
C PRO A 169 17.02 38.15 -14.24
N LEU A 170 16.77 37.07 -13.49
CA LEU A 170 17.02 35.72 -13.99
C LEU A 170 16.21 35.45 -15.23
N GLY A 171 14.98 35.89 -15.23
CA GLY A 171 14.15 35.72 -16.36
C GLY A 171 14.70 36.43 -17.56
N ILE A 172 15.12 37.67 -17.38
CA ILE A 172 15.64 38.47 -18.48
C ILE A 172 16.89 37.84 -19.03
N LEU A 173 17.77 37.48 -18.14
CA LEU A 173 19.03 36.86 -18.43
C LEU A 173 18.82 35.60 -19.22
N SER A 174 17.94 34.74 -18.79
CA SER A 174 17.62 33.49 -19.51
C SER A 174 17.08 33.82 -20.84
N SER A 175 16.08 34.68 -20.85
CA SER A 175 15.42 35.05 -22.09
C SER A 175 16.45 35.66 -23.12
N ALA A 176 17.26 36.64 -22.70
CA ALA A 176 18.25 37.28 -23.62
C ALA A 176 19.35 36.33 -24.05
N SER A 177 19.69 35.39 -23.18
CA SER A 177 20.60 34.29 -23.52
C SER A 177 20.07 33.21 -24.47
N GLY A 178 18.78 33.23 -24.85
CA GLY A 178 18.14 32.17 -25.64
C GLY A 178 17.81 30.80 -24.97
N ASN A 179 17.23 30.82 -23.75
CA ASN A 179 16.84 29.57 -23.04
C ASN A 179 15.74 29.81 -22.02
N THR A 180 14.56 29.27 -22.31
CA THR A 180 13.37 29.43 -21.42
C THR A 180 13.41 28.57 -20.13
N SER A 181 14.43 27.72 -19.99
CA SER A 181 14.65 26.92 -18.79
C SER A 181 15.38 27.75 -17.76
N VAL A 182 14.65 28.73 -17.26
CA VAL A 182 15.24 29.69 -16.33
C VAL A 182 15.98 29.10 -15.18
N LEU A 183 15.35 28.30 -14.32
CA LEU A 183 16.05 27.80 -13.10
C LEU A 183 17.12 26.74 -13.41
N GLU A 184 16.87 25.94 -14.41
CA GLU A 184 17.78 24.82 -14.65
C GLU A 184 19.15 25.33 -15.09
N VAL A 185 19.17 26.32 -16.00
CA VAL A 185 20.46 26.98 -16.38
C VAL A 185 21.12 27.55 -15.15
N HIS A 186 20.34 28.24 -14.33
CA HIS A 186 20.84 28.66 -12.98
C HIS A 186 21.46 27.58 -12.13
N HIS A 187 20.79 26.42 -11.99
CA HIS A 187 21.33 25.31 -11.19
C HIS A 187 22.66 24.80 -11.84
N CYS A 188 22.66 24.70 -13.16
CA CYS A 188 23.89 24.25 -13.88
C CYS A 188 25.06 25.23 -13.55
N ASN A 189 24.79 26.55 -13.73
CA ASN A 189 25.82 27.62 -13.48
C ASN A 189 26.37 27.37 -12.13
N LEU A 190 25.52 27.15 -11.11
CA LEU A 190 26.04 26.92 -9.74
C LEU A 190 26.71 25.62 -9.49
N ALA A 191 26.26 24.57 -10.18
CA ALA A 191 26.95 23.28 -10.08
C ALA A 191 28.37 23.40 -10.65
N VAL A 192 28.49 24.08 -11.80
CA VAL A 192 29.84 24.27 -12.44
C VAL A 192 30.74 25.07 -11.47
N GLU A 193 30.18 26.14 -10.88
CA GLU A 193 30.91 26.95 -9.91
C GLU A 193 31.35 26.09 -8.70
N ILE A 194 30.51 25.22 -8.14
CA ILE A 194 31.00 24.37 -6.99
C ILE A 194 32.12 23.37 -7.37
N LEU A 195 32.00 22.78 -8.56
CA LEU A 195 32.95 21.76 -9.04
C LEU A 195 34.27 22.42 -9.51
N SER A 196 34.21 23.70 -9.86
CA SER A 196 35.42 24.48 -10.17
C SER A 196 36.39 24.72 -8.98
N ASP A 197 36.01 24.34 -7.76
CA ASP A 197 36.88 24.41 -6.58
C ASP A 197 37.42 23.03 -6.31
N PRO A 198 38.76 22.81 -6.37
CA PRO A 198 39.26 21.42 -6.34
C PRO A 198 39.00 20.62 -5.08
N GLU A 199 38.72 21.30 -3.97
CA GLU A 199 38.50 20.59 -2.70
C GLU A 199 37.06 20.02 -2.69
N SER A 200 36.22 20.53 -3.60
CA SER A 200 34.87 19.97 -3.83
C SER A 200 34.64 19.40 -5.27
N ASP A 201 35.71 19.00 -5.97
CA ASP A 201 35.56 18.50 -7.34
C ASP A 201 35.57 16.98 -7.30
N VAL A 202 34.34 16.43 -7.32
CA VAL A 202 34.14 14.98 -7.24
C VAL A 202 34.56 14.28 -8.54
N PHE A 203 34.72 15.09 -9.59
CA PHE A 203 35.23 14.67 -10.91
C PHE A 203 36.71 15.04 -11.21
N ASP A 204 37.47 15.43 -10.17
CA ASP A 204 38.87 15.86 -10.38
C ASP A 204 39.76 14.68 -10.74
N GLY A 205 39.48 13.52 -10.15
CA GLY A 205 40.11 12.26 -10.54
C GLY A 205 39.81 11.70 -11.93
N LEU A 206 38.95 12.36 -12.74
CA LEU A 206 38.70 11.96 -14.11
C LEU A 206 39.55 12.77 -15.07
N GLU A 207 39.68 12.22 -16.27
CA GLU A 207 40.56 12.74 -17.27
C GLU A 207 39.95 12.64 -18.69
N GLY A 208 40.41 13.49 -19.58
CA GLY A 208 40.05 13.42 -20.97
C GLY A 208 38.57 13.25 -21.21
N ALA A 209 38.23 12.35 -22.13
CA ALA A 209 36.85 12.09 -22.45
C ALA A 209 35.94 11.80 -21.22
N GLU A 210 36.47 11.18 -20.18
CA GLU A 210 35.65 10.82 -19.04
C GLU A 210 35.22 12.06 -18.32
N ARG A 211 36.18 12.96 -18.08
CA ARG A 211 35.86 14.24 -17.43
C ARG A 211 34.85 15.06 -18.19
N THR A 212 35.02 15.11 -19.50
CA THR A 212 34.13 15.82 -20.36
C THR A 212 32.75 15.21 -20.30
N LEU A 213 32.67 13.91 -20.32
CA LEU A 213 31.40 13.25 -20.26
C LEU A 213 30.66 13.55 -18.95
N ALA A 214 31.35 13.57 -17.83
CA ALA A 214 30.71 13.84 -16.57
C ALA A 214 30.10 15.24 -16.49
N PHE A 215 30.85 16.23 -16.89
CA PHE A 215 30.28 17.55 -16.99
C PHE A 215 29.11 17.61 -17.95
N ARG A 216 29.30 17.15 -19.17
CA ARG A 216 28.27 17.29 -20.14
C ARG A 216 26.94 16.54 -19.77
N SER A 217 27.08 15.31 -19.28
CA SER A 217 25.91 14.48 -18.93
C SER A 217 25.20 15.11 -17.73
N MET A 218 25.97 15.59 -16.73
CA MET A 218 25.45 16.26 -15.56
C MET A 218 24.58 17.43 -15.97
N ILE A 219 25.16 18.28 -16.79
CA ILE A 219 24.41 19.43 -17.32
C ILE A 219 23.15 19.06 -18.16
N ASP A 220 23.32 18.14 -19.09
CA ASP A 220 22.20 17.72 -19.95
C ASP A 220 21.07 17.17 -19.08
N CYS A 221 21.42 16.39 -18.04
CA CYS A 221 20.45 15.86 -17.09
C CYS A 221 19.65 16.96 -16.35
N VAL A 222 20.35 17.93 -15.78
CA VAL A 222 19.66 19.04 -15.05
C VAL A 222 18.82 19.86 -16.02
N LEU A 223 19.32 20.16 -17.23
CA LEU A 223 18.47 20.87 -18.24
C LEU A 223 17.23 20.08 -18.63
N ALA A 224 17.31 18.74 -18.56
CA ALA A 224 16.13 17.91 -18.93
C ALA A 224 15.06 17.84 -17.83
N THR A 225 15.34 18.35 -16.62
CA THR A 225 14.35 18.40 -15.56
C THR A 225 13.31 19.48 -15.67
N ASP A 226 13.49 20.41 -16.61
CA ASP A 226 12.42 21.38 -16.89
C ASP A 226 11.17 20.68 -17.39
N MET A 227 10.08 20.74 -16.61
CA MET A 227 8.82 20.03 -16.96
C MET A 227 8.13 20.51 -18.25
N ALA A 228 8.52 21.69 -18.78
CA ALA A 228 8.03 22.13 -20.12
C ALA A 228 8.56 21.26 -21.19
N LYS A 229 9.72 20.68 -20.96
CA LYS A 229 10.30 19.72 -21.90
C LYS A 229 9.92 18.25 -21.61
N HIS A 230 8.97 18.05 -20.70
CA HIS A 230 8.67 16.70 -20.18
C HIS A 230 8.30 15.78 -21.34
N GLY A 231 7.32 16.20 -22.16
CA GLY A 231 6.77 15.40 -23.30
C GLY A 231 7.83 15.03 -24.34
N SER A 232 8.62 16.01 -24.75
CA SER A 232 9.69 15.79 -25.71
C SER A 232 10.82 14.87 -25.18
N ALA A 233 11.22 15.02 -23.92
CA ALA A 233 12.27 14.15 -23.36
C ALA A 233 11.73 12.71 -23.25
N LEU A 234 10.50 12.56 -22.78
CA LEU A 234 9.88 11.22 -22.76
C LEU A 234 9.78 10.58 -24.19
N GLU A 235 9.25 11.32 -25.17
CA GLU A 235 9.13 10.81 -26.53
C GLU A 235 10.48 10.40 -27.11
N ALA A 236 11.52 11.18 -26.88
CA ALA A 236 12.84 10.87 -27.37
C ALA A 236 13.40 9.61 -26.75
N PHE A 237 13.26 9.46 -25.44
CA PHE A 237 13.75 8.28 -24.80
C PHE A 237 13.03 7.06 -25.34
N LEU A 238 11.72 7.13 -25.40
CA LEU A 238 10.90 6.04 -25.90
C LEU A 238 11.27 5.63 -27.33
N ALA A 239 11.37 6.62 -28.19
CA ALA A 239 11.84 6.42 -29.56
C ALA A 239 13.21 5.74 -29.62
N SER A 240 14.14 6.15 -28.78
CA SER A 240 15.45 5.54 -28.75
C SER A 240 15.43 4.11 -28.24
N ALA A 241 14.65 3.86 -27.22
CA ALA A 241 14.57 2.54 -26.63
C ALA A 241 13.95 1.51 -27.56
N ALA A 242 13.03 1.94 -28.40
CA ALA A 242 12.38 1.08 -29.35
C ALA A 242 13.26 0.76 -30.56
N ASP A 243 14.21 1.61 -30.85
CA ASP A 243 15.11 1.45 -32.00
C ASP A 243 16.41 0.68 -31.66
N GLN A 244 16.49 -0.55 -32.14
CA GLN A 244 17.69 -1.38 -32.03
C GLN A 244 18.90 -0.74 -32.65
N SER A 245 18.76 0.17 -33.62
CA SER A 245 19.96 0.79 -34.18
C SER A 245 20.18 2.19 -33.65
N SER A 246 19.61 2.51 -32.51
CA SER A 246 19.84 3.84 -31.90
C SER A 246 21.28 4.07 -31.68
N ASP A 247 21.74 5.31 -31.84
CA ASP A 247 23.14 5.65 -31.46
C ASP A 247 23.31 5.29 -29.97
N GLU A 248 24.32 4.49 -29.65
CA GLU A 248 24.49 3.97 -28.28
C GLU A 248 24.74 5.05 -27.25
N ALA A 249 25.64 5.97 -27.57
CA ALA A 249 25.98 7.11 -26.72
C ALA A 249 24.74 7.94 -26.44
N ALA A 250 23.92 8.10 -27.45
CA ALA A 250 22.72 8.87 -27.32
C ALA A 250 21.72 8.17 -26.44
N PHE A 251 21.62 6.85 -26.54
CA PHE A 251 20.70 6.13 -25.72
C PHE A 251 21.12 6.25 -24.26
N HIS A 252 22.41 6.12 -24.01
CA HIS A 252 22.93 6.28 -22.67
C HIS A 252 22.57 7.64 -22.11
N ARG A 253 22.78 8.71 -22.85
CA ARG A 253 22.44 10.06 -22.35
C ARG A 253 20.98 10.23 -21.99
N MET A 254 20.12 9.78 -22.87
CA MET A 254 18.70 9.89 -22.67
C MET A 254 18.22 9.03 -21.51
N THR A 255 18.89 7.90 -21.28
CA THR A 255 18.55 7.03 -20.16
C THR A 255 18.89 7.77 -18.86
N MET A 256 20.05 8.45 -18.83
CA MET A 256 20.42 9.26 -17.69
C MET A 256 19.42 10.36 -17.42
N GLU A 257 19.07 11.07 -18.46
CA GLU A 257 18.10 12.13 -18.38
C GLU A 257 16.78 11.62 -17.85
N ILE A 258 16.31 10.49 -18.36
CA ILE A 258 15.05 9.92 -17.93
C ILE A 258 15.09 9.43 -16.48
N ILE A 259 16.21 8.93 -16.04
CA ILE A 259 16.33 8.47 -14.67
C ILE A 259 16.34 9.63 -13.70
N LEU A 260 17.02 10.71 -14.03
CA LEU A 260 16.95 11.90 -13.12
C LEU A 260 15.55 12.45 -13.14
N LYS A 261 14.89 12.55 -14.33
CA LYS A 261 13.48 12.87 -14.40
C LYS A 261 12.59 11.99 -13.52
N ALA A 262 12.82 10.70 -13.64
CA ALA A 262 12.09 9.74 -12.82
C ALA A 262 12.23 10.02 -11.31
N GLY A 263 13.45 10.27 -10.84
CA GLY A 263 13.61 10.59 -9.44
C GLY A 263 12.86 11.85 -9.07
N ASP A 264 12.91 12.82 -9.96
CA ASP A 264 12.25 14.10 -9.72
C ASP A 264 10.76 13.98 -9.52
N ILE A 265 10.11 13.05 -10.25
CA ILE A 265 8.65 12.85 -10.11
C ILE A 265 8.32 11.50 -9.40
N SER A 266 9.23 11.05 -8.54
CA SER A 266 9.11 9.78 -7.84
C SER A 266 8.31 9.87 -6.51
N ASN A 267 7.81 11.05 -6.07
CA ASN A 267 7.10 11.10 -4.78
C ASN A 267 5.87 10.11 -4.74
N VAL A 268 5.19 9.98 -5.85
CA VAL A 268 4.03 9.11 -5.98
C VAL A 268 4.35 7.61 -6.07
N THR A 269 5.62 7.25 -6.19
CA THR A 269 6.00 5.87 -6.24
C THR A 269 6.35 5.32 -4.87
N LYS A 270 6.20 6.13 -3.85
CA LYS A 270 6.55 5.77 -2.48
C LYS A 270 5.38 5.34 -1.60
N PRO A 271 5.64 4.70 -0.47
CA PRO A 271 4.60 4.32 0.48
C PRO A 271 3.68 5.50 0.79
N PHE A 272 2.38 5.30 0.65
CA PHE A 272 1.36 6.35 0.82
C PHE A 272 1.61 7.45 1.81
N ASP A 273 1.96 7.12 3.02
CA ASP A 273 2.22 8.15 3.97
C ASP A 273 3.40 9.04 3.60
N ILE A 274 4.42 8.47 2.99
CA ILE A 274 5.55 9.28 2.48
C ILE A 274 5.08 10.19 1.35
N SER A 275 4.36 9.60 0.43
CA SER A 275 3.88 10.29 -0.73
C SER A 275 3.01 11.45 -0.32
N ARG A 276 2.19 11.24 0.70
CA ARG A 276 1.33 12.27 1.22
C ARG A 276 2.14 13.39 1.81
N GLN A 277 3.19 13.07 2.52
CA GLN A 277 3.99 14.11 3.10
C GLN A 277 4.62 14.99 2.03
N TRP A 278 5.12 14.40 0.97
CA TRP A 278 5.68 15.16 -0.12
C TRP A 278 4.62 16.06 -0.73
N ALA A 279 3.42 15.54 -0.89
CA ALA A 279 2.35 16.28 -1.49
C ALA A 279 2.00 17.51 -0.66
N MET A 280 2.03 17.39 0.64
CA MET A 280 1.75 18.55 1.45
C MET A 280 2.78 19.63 1.25
N ALA A 281 4.04 19.24 1.21
CA ALA A 281 5.11 20.19 1.07
C ALA A 281 5.10 20.93 -0.22
N VAL A 282 4.84 20.22 -1.31
CA VAL A 282 4.81 20.88 -2.62
C VAL A 282 3.59 21.84 -2.75
N THR A 283 2.47 21.41 -2.21
CA THR A 283 1.27 22.26 -2.08
C THR A 283 1.50 23.60 -1.33
N GLU A 284 2.10 23.55 -0.16
CA GLU A 284 2.43 24.77 0.55
C GLU A 284 3.39 25.69 -0.28
N GLU A 285 4.33 25.08 -1.03
CA GLU A 285 5.28 25.86 -1.80
C GLU A 285 4.54 26.51 -2.91
N PHE A 286 3.74 25.76 -3.64
CA PHE A 286 2.91 26.36 -4.66
C PHE A 286 2.05 27.54 -4.13
N TYR A 287 1.50 27.39 -2.92
CA TYR A 287 0.58 28.38 -2.38
C TYR A 287 1.30 29.69 -2.11
N ARG A 288 2.49 29.59 -1.54
CA ARG A 288 3.33 30.71 -1.22
C ARG A 288 3.67 31.51 -2.47
N GLN A 289 3.91 30.83 -3.59
CA GLN A 289 4.20 31.50 -4.83
C GLN A 289 3.01 32.29 -5.26
N GLY A 290 1.84 31.70 -5.14
CA GLY A 290 0.58 32.33 -5.48
C GLY A 290 0.32 33.56 -4.65
N ASP A 291 0.67 33.51 -3.39
CA ASP A 291 0.50 34.64 -2.52
C ASP A 291 1.35 35.81 -3.04
N MET A 292 2.58 35.52 -3.40
CA MET A 292 3.44 36.53 -3.97
C MET A 292 2.96 37.02 -5.30
N GLU A 293 2.42 36.13 -6.11
CA GLU A 293 1.91 36.54 -7.40
C GLU A 293 0.75 37.52 -7.28
N LYS A 294 -0.10 37.33 -6.29
CA LYS A 294 -1.19 38.24 -6.03
C LYS A 294 -0.62 39.59 -5.63
N GLU A 295 0.41 39.60 -4.81
CA GLU A 295 0.97 40.84 -4.36
C GLU A 295 1.50 41.67 -5.50
N ARG A 296 2.19 41.03 -6.43
CA ARG A 296 2.77 41.74 -7.55
C ARG A 296 1.82 41.98 -8.69
N GLY A 297 0.62 41.45 -8.58
CA GLY A 297 -0.37 41.69 -9.62
C GLY A 297 -0.40 40.77 -10.79
N VAL A 298 0.51 39.80 -10.85
CA VAL A 298 0.52 38.86 -11.96
C VAL A 298 -0.48 37.73 -11.85
N GLU A 299 -0.70 37.07 -12.98
CA GLU A 299 -1.65 35.98 -13.09
C GLU A 299 -1.37 34.81 -12.15
N VAL A 300 -2.42 34.29 -11.55
CA VAL A 300 -2.32 33.20 -10.60
C VAL A 300 -3.17 32.06 -11.05
N LEU A 301 -2.60 30.88 -11.17
CA LEU A 301 -3.36 29.76 -11.60
C LEU A 301 -4.08 29.17 -10.41
N PRO A 302 -5.09 28.35 -10.66
CA PRO A 302 -5.85 27.76 -9.54
C PRO A 302 -4.98 26.82 -8.64
N MET A 303 -4.09 26.06 -9.25
CA MET A 303 -3.20 25.20 -8.52
C MET A 303 -2.34 25.94 -7.49
N PHE A 304 -2.13 27.24 -7.68
CA PHE A 304 -1.35 28.00 -6.73
C PHE A 304 -2.19 28.84 -5.81
N ASP A 305 -3.49 28.80 -6.00
CA ASP A 305 -4.41 29.62 -5.24
C ASP A 305 -4.93 29.02 -3.96
N ARG A 306 -4.40 29.51 -2.86
CA ARG A 306 -4.77 29.09 -1.52
C ARG A 306 -6.23 29.39 -1.14
N SER A 307 -6.85 30.25 -1.93
CA SER A 307 -8.22 30.69 -1.68
C SER A 307 -9.22 29.92 -2.50
N LYS A 308 -8.85 28.70 -2.82
CA LYS A 308 -9.72 27.81 -3.55
C LYS A 308 -9.80 26.55 -2.74
N ASN A 309 -8.67 26.16 -2.18
CA ASN A 309 -8.52 24.98 -1.36
C ASN A 309 -9.02 23.72 -2.00
N MET A 310 -8.48 23.37 -3.16
CA MET A 310 -8.83 22.05 -3.77
C MET A 310 -8.36 20.96 -2.77
N GLU A 311 -8.86 19.76 -2.89
CA GLU A 311 -8.29 18.71 -2.04
C GLU A 311 -7.00 18.15 -2.63
N LEU A 312 -6.18 17.76 -1.68
CA LEU A 312 -4.94 17.09 -1.93
C LEU A 312 -5.21 15.88 -2.82
N ALA A 313 -6.20 15.06 -2.49
CA ALA A 313 -6.51 13.86 -3.23
C ALA A 313 -6.70 14.05 -4.74
N LYS A 314 -7.45 15.09 -5.06
CA LYS A 314 -7.79 15.32 -6.46
C LYS A 314 -6.55 15.76 -7.20
N GLY A 315 -5.74 16.59 -6.53
CA GLY A 315 -4.49 17.10 -7.09
C GLY A 315 -3.47 15.98 -7.28
N GLN A 316 -3.39 15.07 -6.30
CA GLN A 316 -2.56 13.87 -6.48
C GLN A 316 -3.08 12.92 -7.57
N ILE A 317 -4.37 12.69 -7.62
CA ILE A 317 -4.95 11.84 -8.68
C ILE A 317 -4.66 12.41 -10.09
N GLY A 318 -4.83 13.73 -10.26
CA GLY A 318 -4.59 14.38 -11.53
C GLY A 318 -3.12 14.27 -11.95
N PHE A 319 -2.22 14.49 -11.00
CA PHE A 319 -0.77 14.35 -11.27
C PHE A 319 -0.41 12.92 -11.66
N ILE A 320 -0.99 11.95 -10.94
CA ILE A 320 -0.88 10.58 -11.32
C ILE A 320 -1.43 10.30 -12.73
N ASP A 321 -2.65 10.72 -12.99
CA ASP A 321 -3.26 10.31 -14.29
C ASP A 321 -2.67 11.00 -15.47
N PHE A 322 -2.29 12.26 -15.33
CA PHE A 322 -1.77 13.02 -16.46
C PHE A 322 -0.25 13.00 -16.60
N VAL A 323 0.49 12.80 -15.52
CA VAL A 323 1.97 12.91 -15.62
C VAL A 323 2.61 11.60 -15.23
N ALA A 324 2.51 11.21 -13.97
CA ALA A 324 3.36 10.11 -13.43
C ALA A 324 2.98 8.68 -13.83
N ALA A 325 1.70 8.28 -13.80
CA ALA A 325 1.38 6.92 -14.24
C ALA A 325 1.79 6.71 -15.73
N PRO A 326 1.47 7.65 -16.65
CA PRO A 326 1.87 7.27 -18.01
C PRO A 326 3.41 7.21 -18.18
N PHE A 327 4.10 8.11 -17.49
CA PHE A 327 5.58 8.15 -17.55
C PHE A 327 6.26 6.90 -17.06
N PHE A 328 5.93 6.46 -15.87
CA PHE A 328 6.51 5.25 -15.35
C PHE A 328 6.08 4.01 -16.12
N GLN A 329 4.83 3.94 -16.50
CA GLN A 329 4.31 2.83 -17.25
C GLN A 329 5.03 2.70 -18.55
N LYS A 330 5.20 3.81 -19.23
CA LYS A 330 5.87 3.81 -20.52
C LYS A 330 7.33 3.44 -20.49
N ILE A 331 8.10 3.99 -19.57
CA ILE A 331 9.52 3.68 -19.51
C ILE A 331 9.76 2.25 -19.03
N VAL A 332 8.94 1.77 -18.12
CA VAL A 332 9.09 0.44 -17.63
C VAL A 332 8.80 -0.54 -18.73
N ASP A 333 7.80 -0.27 -19.54
CA ASP A 333 7.48 -1.18 -20.60
C ASP A 333 8.42 -1.09 -21.75
N ALA A 334 8.97 0.09 -21.97
CA ALA A 334 9.89 0.30 -23.04
C ALA A 334 11.19 -0.46 -22.89
N CYS A 335 11.76 -0.41 -21.70
CA CYS A 335 12.99 -1.09 -21.42
C CYS A 335 13.43 -1.14 -19.98
N LEU A 336 12.75 -0.48 -19.08
CA LEU A 336 13.14 -0.51 -17.68
C LEU A 336 12.28 -1.46 -16.84
N GLN A 337 12.22 -2.72 -17.26
CA GLN A 337 11.39 -3.73 -16.61
C GLN A 337 11.58 -3.90 -15.12
N GLY A 338 12.78 -3.70 -14.63
CA GLY A 338 13.05 -3.79 -13.24
C GLY A 338 12.37 -2.77 -12.37
N MET A 339 11.88 -1.68 -12.94
CA MET A 339 11.23 -0.62 -12.13
C MET A 339 9.71 -0.84 -11.99
N GLN A 340 9.27 -2.04 -12.29
CA GLN A 340 7.84 -2.35 -12.24
C GLN A 340 7.20 -1.96 -10.93
N TRP A 341 7.89 -2.01 -9.82
CA TRP A 341 7.29 -1.58 -8.57
C TRP A 341 6.73 -0.14 -8.54
N THR A 342 7.29 0.79 -9.30
CA THR A 342 6.88 2.16 -9.38
C THR A 342 5.47 2.19 -9.91
N VAL A 343 5.22 1.47 -10.98
CA VAL A 343 3.83 1.40 -11.53
C VAL A 343 2.82 0.79 -10.53
N ASP A 344 3.23 -0.27 -9.84
CA ASP A 344 2.38 -0.90 -8.87
C ASP A 344 2.06 0.04 -7.73
N ARG A 345 3.06 0.75 -7.23
CA ARG A 345 2.82 1.64 -6.12
C ARG A 345 2.01 2.87 -6.51
N ILE A 346 2.18 3.31 -7.73
CA ILE A 346 1.41 4.43 -8.21
C ILE A 346 -0.06 3.99 -8.23
N LYS A 347 -0.32 2.79 -8.74
CA LYS A 347 -1.65 2.25 -8.78
C LYS A 347 -2.23 2.14 -7.40
N SER A 348 -1.45 1.67 -6.45
CA SER A 348 -1.95 1.51 -5.13
C SER A 348 -2.18 2.86 -4.45
N ASN A 349 -1.32 3.82 -4.72
CA ASN A 349 -1.49 5.13 -4.14
C ASN A 349 -2.73 5.80 -4.72
N ARG A 350 -2.94 5.70 -6.01
CA ARG A 350 -4.12 6.26 -6.63
C ARG A 350 -5.38 5.71 -5.98
N ALA A 351 -5.45 4.41 -5.78
CA ALA A 351 -6.63 3.81 -5.18
C ALA A 351 -6.84 4.32 -3.77
N GLN A 352 -5.78 4.52 -3.04
CA GLN A 352 -5.92 5.05 -1.71
C GLN A 352 -6.51 6.46 -1.73
N TRP A 353 -6.08 7.27 -2.67
CA TRP A 353 -6.60 8.61 -2.80
C TRP A 353 -8.06 8.53 -3.23
N GLU A 354 -8.40 7.58 -4.07
CA GLU A 354 -9.79 7.42 -4.47
C GLU A 354 -10.60 7.06 -3.23
N ARG A 355 -10.09 6.16 -2.40
CA ARG A 355 -10.77 5.78 -1.18
C ARG A 355 -11.01 6.96 -0.25
N VAL A 356 -10.07 7.88 -0.16
CA VAL A 356 -10.25 9.06 0.64
C VAL A 356 -11.46 9.83 0.12
N LEU A 357 -11.56 10.01 -1.17
CA LEU A 357 -12.68 10.71 -1.74
C LEU A 357 -13.97 9.94 -1.59
N GLU A 358 -13.94 8.63 -1.77
CA GLU A 358 -15.13 7.81 -1.68
C GLU A 358 -15.82 7.72 -0.34
N THR A 359 -15.11 8.04 0.72
CA THR A 359 -15.65 8.03 2.05
C THR A 359 -15.76 9.44 2.59
N ARG A 360 -15.45 10.43 1.78
CA ARG A 360 -15.46 11.84 2.20
C ARG A 360 -16.71 12.27 2.93
N VAL B 28 -29.62 -5.95 -10.35
CA VAL B 28 -28.73 -7.07 -9.88
C VAL B 28 -28.25 -7.95 -11.07
N THR B 29 -27.52 -7.36 -12.03
CA THR B 29 -26.86 -8.08 -13.15
C THR B 29 -26.72 -9.58 -12.92
N ALA B 30 -27.35 -10.38 -13.75
CA ALA B 30 -27.27 -11.82 -13.64
C ALA B 30 -25.93 -12.42 -14.05
N ILE B 31 -25.67 -13.62 -13.59
CA ILE B 31 -24.44 -14.31 -13.91
C ILE B 31 -24.46 -14.87 -15.32
N THR B 32 -23.32 -14.88 -15.99
CA THR B 32 -23.21 -15.46 -17.31
C THR B 32 -22.91 -16.93 -17.19
N LYS B 33 -22.90 -17.63 -18.32
CA LYS B 33 -22.60 -19.08 -18.34
C LYS B 33 -21.07 -19.32 -18.44
N VAL B 34 -20.34 -18.31 -18.93
CA VAL B 34 -18.88 -18.41 -19.08
C VAL B 34 -18.22 -18.24 -17.71
N GLU B 35 -18.73 -17.27 -16.96
CA GLU B 35 -18.44 -17.11 -15.52
C GLU B 35 -18.56 -18.46 -14.79
N ARG B 36 -19.74 -19.09 -14.86
CA ARG B 36 -19.94 -20.46 -14.33
C ARG B 36 -18.93 -21.49 -14.85
N GLU B 37 -18.67 -21.46 -16.16
CA GLU B 37 -17.74 -22.42 -16.78
C GLU B 37 -16.29 -22.22 -16.33
N ALA B 38 -15.89 -20.93 -16.28
CA ALA B 38 -14.55 -20.50 -15.81
C ALA B 38 -14.22 -20.99 -14.38
N VAL B 39 -15.25 -21.17 -13.56
CA VAL B 39 -15.12 -21.82 -12.24
C VAL B 39 -15.02 -23.34 -12.40
N LEU B 40 -16.06 -23.92 -13.03
CA LEU B 40 -16.23 -25.39 -13.19
C LEU B 40 -14.99 -26.19 -13.61
N VAL B 41 -14.12 -25.57 -14.41
CA VAL B 41 -12.88 -26.21 -14.89
C VAL B 41 -11.76 -26.36 -13.85
N CYS B 42 -11.69 -25.49 -12.84
CA CYS B 42 -10.64 -25.65 -11.82
C CYS B 42 -10.87 -26.97 -11.12
N GLU B 43 -9.81 -27.75 -10.92
CA GLU B 43 -9.96 -29.08 -10.35
C GLU B 43 -9.13 -29.34 -9.12
N LEU B 44 -8.29 -28.40 -8.72
CA LEU B 44 -7.68 -28.48 -7.39
C LEU B 44 -6.90 -29.78 -7.08
N PRO B 45 -5.97 -30.18 -7.97
CA PRO B 45 -5.30 -31.46 -7.74
C PRO B 45 -4.36 -31.42 -6.52
N SER B 46 -4.39 -32.50 -5.71
CA SER B 46 -3.65 -32.60 -4.43
C SER B 46 -4.16 -31.65 -3.31
N PHE B 47 -5.36 -31.09 -3.47
CA PHE B 47 -5.99 -30.31 -2.41
C PHE B 47 -7.14 -31.12 -1.86
N ASP B 48 -7.08 -31.42 -0.56
CA ASP B 48 -8.27 -31.88 0.14
C ASP B 48 -8.94 -30.70 0.88
N VAL B 49 -10.10 -30.25 0.37
CA VAL B 49 -10.73 -29.03 0.92
C VAL B 49 -11.38 -29.19 2.30
N THR B 50 -11.45 -30.42 2.81
CA THR B 50 -12.15 -30.71 4.03
C THR B 50 -11.15 -30.84 5.11
N ASP B 51 -9.91 -30.53 4.77
CA ASP B 51 -8.82 -30.94 5.54
C ASP B 51 -8.43 -29.72 6.34
N VAL B 52 -8.10 -29.96 7.58
CA VAL B 52 -7.77 -28.94 8.48
C VAL B 52 -6.46 -28.23 8.12
N GLU B 53 -5.68 -28.83 7.21
CA GLU B 53 -4.38 -28.27 6.83
C GLU B 53 -4.41 -27.68 5.44
N PHE B 54 -5.54 -27.75 4.78
CA PHE B 54 -5.70 -27.13 3.49
C PHE B 54 -5.14 -25.67 3.59
N ASP B 55 -4.33 -25.35 2.57
CA ASP B 55 -3.60 -24.10 2.42
C ASP B 55 -4.18 -23.34 1.24
N LEU B 56 -5.00 -22.32 1.54
CA LEU B 56 -5.63 -21.49 0.52
C LEU B 56 -4.57 -20.63 -0.20
N PHE B 57 -3.53 -20.21 0.49
CA PHE B 57 -2.47 -19.44 -0.16
C PHE B 57 -1.87 -20.26 -1.31
N ARG B 58 -1.50 -21.51 -1.02
CA ARG B 58 -0.98 -22.46 -2.02
C ARG B 58 -1.97 -22.61 -3.19
N ALA B 59 -3.26 -22.62 -2.89
CA ALA B 59 -4.28 -22.75 -3.89
C ALA B 59 -4.42 -21.53 -4.78
N ARG B 60 -4.23 -20.35 -4.20
CA ARG B 60 -4.26 -19.10 -4.97
C ARG B 60 -3.11 -18.99 -5.97
N GLU B 61 -1.97 -19.53 -5.58
CA GLU B 61 -0.76 -19.47 -6.37
C GLU B 61 -0.65 -20.60 -7.35
N SER B 62 -1.55 -21.56 -7.30
CA SER B 62 -1.51 -22.64 -8.26
C SER B 62 -2.05 -22.19 -9.64
N THR B 63 -2.47 -20.93 -9.81
CA THR B 63 -3.12 -20.50 -11.06
C THR B 63 -3.18 -18.98 -11.21
N ASP B 64 -3.36 -18.53 -12.45
CA ASP B 64 -3.62 -17.12 -12.77
C ASP B 64 -5.12 -16.81 -12.79
N LYS B 65 -5.92 -17.79 -12.37
CA LYS B 65 -7.30 -17.57 -12.00
C LYS B 65 -7.53 -17.86 -10.50
N PRO B 66 -6.98 -17.02 -9.60
CA PRO B 66 -7.18 -17.35 -8.18
C PRO B 66 -8.64 -17.12 -7.71
N LEU B 67 -9.32 -16.12 -8.28
CA LEU B 67 -10.72 -15.89 -8.01
C LEU B 67 -11.68 -16.96 -8.51
N ASP B 68 -11.24 -17.76 -9.46
CA ASP B 68 -12.02 -18.89 -9.90
C ASP B 68 -11.69 -20.09 -9.02
N VAL B 69 -10.42 -20.31 -8.71
CA VAL B 69 -10.01 -21.41 -7.83
C VAL B 69 -10.66 -21.31 -6.42
N ALA B 70 -10.81 -20.08 -5.94
CA ALA B 70 -11.42 -19.76 -4.66
C ALA B 70 -12.91 -20.02 -4.70
N ALA B 71 -13.54 -19.55 -5.76
CA ALA B 71 -14.96 -19.84 -5.95
C ALA B 71 -15.20 -21.35 -6.11
N ALA B 72 -14.25 -22.06 -6.73
CA ALA B 72 -14.34 -23.51 -6.92
C ALA B 72 -14.23 -24.28 -5.63
N ILE B 73 -13.37 -23.80 -4.74
CA ILE B 73 -13.25 -24.36 -3.41
C ILE B 73 -14.56 -24.23 -2.62
N ALA B 74 -15.16 -23.04 -2.63
CA ALA B 74 -16.49 -22.87 -2.06
C ALA B 74 -17.53 -23.85 -2.67
N TYR B 75 -17.49 -24.02 -3.99
CA TYR B 75 -18.42 -24.90 -4.75
C TYR B 75 -18.31 -26.33 -4.30
N ARG B 76 -17.07 -26.80 -4.22
CA ARG B 76 -16.79 -28.14 -3.79
C ARG B 76 -17.23 -28.35 -2.35
N LEU B 77 -16.98 -27.40 -1.46
CA LEU B 77 -17.35 -27.61 -0.06
C LEU B 77 -18.82 -27.83 0.12
N LEU B 78 -19.62 -26.94 -0.47
CA LEU B 78 -21.05 -26.98 -0.36
C LEU B 78 -21.69 -28.26 -1.01
N LEU B 79 -21.11 -28.81 -2.08
CA LEU B 79 -21.56 -30.13 -2.61
C LEU B 79 -21.17 -31.33 -1.73
N GLY B 80 -19.91 -31.45 -1.37
CA GLY B 80 -19.44 -32.56 -0.50
C GLY B 80 -19.99 -32.61 0.92
N SER B 81 -20.75 -31.59 1.30
CA SER B 81 -21.58 -31.61 2.52
C SER B 81 -22.91 -32.38 2.32
N GLY B 82 -23.39 -32.36 1.09
CA GLY B 82 -24.71 -32.90 0.76
C GLY B 82 -25.80 -31.84 0.76
N LEU B 83 -25.53 -30.70 1.39
CA LEU B 83 -26.63 -29.94 1.98
C LEU B 83 -27.54 -29.17 1.03
N PRO B 84 -26.99 -28.46 0.03
CA PRO B 84 -27.89 -27.75 -0.92
C PRO B 84 -28.91 -28.70 -1.64
N GLN B 85 -28.45 -29.88 -2.04
CA GLN B 85 -29.31 -30.85 -2.72
C GLN B 85 -30.49 -31.16 -1.83
N LYS B 86 -30.23 -31.39 -0.53
CA LYS B 86 -31.29 -31.68 0.44
C LYS B 86 -32.26 -30.53 0.66
N PHE B 87 -31.84 -29.29 0.38
CA PHE B 87 -32.68 -28.13 0.61
C PHE B 87 -33.16 -27.43 -0.68
N GLY B 88 -33.04 -28.09 -1.81
CA GLY B 88 -33.74 -27.68 -3.05
C GLY B 88 -33.02 -26.61 -3.85
N CYS B 89 -31.69 -26.63 -3.75
CA CYS B 89 -30.86 -25.59 -4.31
C CYS B 89 -30.00 -26.29 -5.31
N SER B 90 -30.18 -25.93 -6.58
CA SER B 90 -29.50 -26.58 -7.70
C SER B 90 -28.08 -26.13 -7.73
N ASP B 91 -27.27 -26.90 -8.45
CA ASP B 91 -25.86 -26.61 -8.69
C ASP B 91 -25.67 -25.24 -9.32
N GLU B 92 -26.63 -24.84 -10.13
CA GLU B 92 -26.60 -23.56 -10.80
C GLU B 92 -26.97 -22.39 -9.89
N VAL B 93 -28.08 -22.48 -9.14
CA VAL B 93 -28.39 -21.36 -8.21
C VAL B 93 -27.27 -21.23 -7.16
N LEU B 94 -26.68 -22.37 -6.76
CA LEU B 94 -25.52 -22.42 -5.89
C LEU B 94 -24.29 -21.69 -6.46
N LEU B 95 -23.90 -22.05 -7.69
CA LEU B 95 -22.75 -21.42 -8.30
C LEU B 95 -23.01 -19.92 -8.54
N ASN B 96 -24.26 -19.56 -8.86
CA ASN B 96 -24.65 -18.16 -9.12
C ASN B 96 -24.49 -17.30 -7.86
N PHE B 97 -25.08 -17.78 -6.76
CA PHE B 97 -24.94 -17.17 -5.43
C PHE B 97 -23.49 -16.84 -5.09
N ILE B 98 -22.64 -17.83 -5.22
CA ILE B 98 -21.22 -17.71 -4.90
C ILE B 98 -20.60 -16.62 -5.76
N LEU B 99 -20.95 -16.59 -7.05
CA LEU B 99 -20.39 -15.60 -7.98
C LEU B 99 -20.93 -14.23 -7.74
N GLN B 100 -22.22 -14.14 -7.46
CA GLN B 100 -22.79 -12.90 -6.95
C GLN B 100 -22.04 -12.41 -5.70
N CYS B 101 -21.70 -13.32 -4.76
CA CYS B 101 -20.97 -12.91 -3.53
C CYS B 101 -19.58 -12.38 -3.93
N ARG B 102 -18.85 -13.14 -4.73
CA ARG B 102 -17.54 -12.79 -5.18
C ARG B 102 -17.42 -11.41 -5.79
N LYS B 103 -18.45 -10.99 -6.52
CA LYS B 103 -18.47 -9.68 -7.17
C LYS B 103 -18.59 -8.54 -6.18
N LYS B 104 -19.19 -8.80 -5.01
CA LYS B 104 -19.32 -7.73 -4.03
C LYS B 104 -18.13 -7.63 -3.08
N TYR B 105 -17.09 -8.42 -3.27
CA TYR B 105 -15.85 -8.25 -2.51
C TYR B 105 -14.88 -7.38 -3.29
N ARG B 106 -14.11 -6.58 -2.57
CA ARG B 106 -13.12 -5.68 -3.18
C ARG B 106 -11.72 -6.15 -3.08
N ASN B 107 -10.83 -5.49 -3.82
CA ASN B 107 -9.43 -5.87 -3.84
C ASN B 107 -8.65 -5.22 -2.65
N VAL B 108 -9.05 -5.54 -1.44
CA VAL B 108 -8.38 -5.05 -0.24
C VAL B 108 -7.46 -6.14 0.29
N PRO B 109 -6.47 -5.79 1.09
CA PRO B 109 -5.52 -6.86 1.51
C PRO B 109 -6.07 -8.04 2.35
N TYR B 110 -7.09 -7.83 3.20
CA TYR B 110 -7.57 -8.90 4.14
C TYR B 110 -9.03 -9.24 3.94
N HIS B 111 -9.95 -8.25 4.10
CA HIS B 111 -11.39 -8.53 3.88
C HIS B 111 -11.87 -8.68 2.41
N ASN B 112 -11.23 -9.57 1.68
CA ASN B 112 -11.52 -9.81 0.26
C ASN B 112 -12.22 -11.19 0.15
N PHE B 113 -12.43 -11.65 -1.08
CA PHE B 113 -13.14 -12.88 -1.28
C PHE B 113 -12.42 -14.06 -0.63
N TYR B 114 -11.09 -14.00 -0.52
CA TYR B 114 -10.32 -15.11 0.03
C TYR B 114 -10.58 -15.39 1.53
N HIS B 115 -10.63 -14.34 2.36
CA HIS B 115 -11.17 -14.40 3.76
C HIS B 115 -12.45 -15.14 3.85
N VAL B 116 -13.41 -14.84 2.98
CA VAL B 116 -14.73 -15.50 3.17
C VAL B 116 -14.76 -16.94 2.71
N VAL B 117 -13.98 -17.25 1.68
CA VAL B 117 -13.81 -18.64 1.29
C VAL B 117 -13.13 -19.40 2.41
N ASP B 118 -12.10 -18.82 3.02
CA ASP B 118 -11.41 -19.39 4.19
C ASP B 118 -12.37 -19.66 5.35
N VAL B 119 -13.25 -18.69 5.65
CA VAL B 119 -14.12 -18.80 6.83
C VAL B 119 -15.07 -19.94 6.50
N CYS B 120 -15.55 -20.00 5.26
CA CYS B 120 -16.39 -21.14 4.84
C CYS B 120 -15.73 -22.51 5.07
N GLN B 121 -14.53 -22.63 4.49
CA GLN B 121 -13.76 -23.87 4.60
C GLN B 121 -13.43 -24.21 6.05
N THR B 122 -12.97 -23.21 6.80
CA THR B 122 -12.71 -23.40 8.21
C THR B 122 -14.00 -23.83 8.97
N ILE B 123 -15.14 -23.20 8.70
CA ILE B 123 -16.38 -23.62 9.37
C ILE B 123 -16.64 -25.09 9.01
N HIS B 124 -16.37 -25.50 7.75
CA HIS B 124 -16.63 -26.88 7.30
C HIS B 124 -15.85 -27.83 8.25
N THR B 125 -14.59 -27.51 8.54
CA THR B 125 -13.78 -28.34 9.41
C THR B 125 -14.28 -28.37 10.86
N PHE B 126 -14.78 -27.26 11.34
CA PHE B 126 -15.34 -27.23 12.69
C PHE B 126 -16.58 -28.10 12.81
N LEU B 127 -17.43 -28.06 11.79
CA LEU B 127 -18.65 -28.81 11.80
C LEU B 127 -18.33 -30.31 11.65
N TYR B 128 -17.51 -30.66 10.65
CA TYR B 128 -17.29 -32.06 10.29
C TYR B 128 -16.02 -32.77 10.85
N ARG B 129 -14.90 -32.07 11.04
CA ARG B 129 -13.76 -32.62 11.77
C ARG B 129 -13.89 -32.33 13.24
N GLY B 130 -14.52 -31.25 13.66
CA GLY B 130 -14.68 -31.02 15.11
C GLY B 130 -15.98 -31.50 15.72
N ASN B 131 -16.73 -32.19 14.89
CA ASN B 131 -18.02 -32.76 15.21
C ASN B 131 -19.02 -31.80 15.74
N VAL B 132 -18.90 -30.55 15.35
CA VAL B 132 -19.85 -29.54 15.74
C VAL B 132 -21.23 -29.73 15.08
N TYR B 133 -21.30 -30.41 13.96
CA TYR B 133 -22.54 -30.78 13.31
C TYR B 133 -23.56 -31.51 14.20
N GLU B 134 -23.13 -32.29 15.21
CA GLU B 134 -23.96 -32.99 16.15
C GLU B 134 -24.86 -32.07 16.96
N LYS B 135 -24.44 -30.85 17.21
CA LYS B 135 -25.21 -29.86 17.93
C LYS B 135 -26.22 -29.10 17.10
N LEU B 136 -26.22 -29.26 15.78
CA LEU B 136 -27.11 -28.50 14.92
C LEU B 136 -27.92 -29.33 13.95
N THR B 137 -28.92 -28.71 13.30
CA THR B 137 -29.72 -29.45 12.30
C THR B 137 -28.98 -29.34 11.01
N GLU B 138 -29.33 -30.18 10.04
CA GLU B 138 -28.67 -30.07 8.73
C GLU B 138 -28.93 -28.66 8.14
N LEU B 139 -30.13 -28.11 8.35
CA LEU B 139 -30.47 -26.77 7.86
C LEU B 139 -29.50 -25.72 8.42
N GLU B 140 -29.26 -25.80 9.74
CA GLU B 140 -28.32 -24.89 10.38
C GLU B 140 -26.94 -24.99 9.84
N CYS B 141 -26.44 -26.21 9.61
CA CYS B 141 -25.12 -26.39 8.97
C CYS B 141 -25.01 -25.68 7.59
N PHE B 142 -26.05 -25.80 6.81
CA PHE B 142 -26.12 -25.26 5.45
C PHE B 142 -26.11 -23.74 5.52
N VAL B 143 -26.92 -23.20 6.43
CA VAL B 143 -27.04 -21.76 6.61
C VAL B 143 -25.66 -21.26 7.03
N LEU B 144 -24.94 -22.00 7.89
CA LEU B 144 -23.66 -21.53 8.34
C LEU B 144 -22.66 -21.48 7.21
N LEU B 145 -22.69 -22.45 6.31
CA LEU B 145 -21.68 -22.43 5.22
C LEU B 145 -21.96 -21.28 4.18
N ILE B 146 -23.23 -21.09 3.85
CA ILE B 146 -23.73 -19.96 3.09
C ILE B 146 -23.39 -18.66 3.78
N THR B 147 -23.71 -18.56 5.09
CA THR B 147 -23.46 -17.31 5.83
C THR B 147 -22.01 -16.91 5.82
N ALA B 148 -21.08 -17.87 5.91
CA ALA B 148 -19.70 -17.59 5.75
C ALA B 148 -19.37 -16.67 4.53
N LEU B 149 -20.04 -16.94 3.42
CA LEU B 149 -19.72 -16.28 2.15
C LEU B 149 -20.33 -14.94 2.02
N VAL B 150 -21.37 -14.64 2.84
CA VAL B 150 -21.98 -13.31 2.82
C VAL B 150 -21.45 -12.35 3.88
N HIS B 151 -20.64 -12.84 4.83
CA HIS B 151 -20.56 -12.17 6.17
C HIS B 151 -19.76 -10.86 6.22
N ASP B 152 -19.10 -10.52 5.11
CA ASP B 152 -18.33 -9.29 5.01
C ASP B 152 -18.52 -8.57 3.67
N LEU B 153 -19.56 -8.96 2.93
CA LEU B 153 -19.84 -8.32 1.62
C LEU B 153 -19.54 -6.79 1.56
N ASP B 154 -18.78 -6.38 0.54
CA ASP B 154 -18.53 -4.96 0.22
C ASP B 154 -17.70 -4.30 1.32
N HIS B 155 -16.88 -5.05 2.01
CA HIS B 155 -15.99 -4.50 3.00
C HIS B 155 -14.95 -3.69 2.26
N MET B 156 -14.60 -2.53 2.78
CA MET B 156 -13.62 -1.65 2.16
C MET B 156 -12.30 -1.48 2.85
N GLY B 157 -12.01 -2.30 3.84
CA GLY B 157 -10.78 -2.25 4.55
C GLY B 157 -10.77 -1.30 5.73
N LEU B 158 -11.92 -0.82 6.10
CA LEU B 158 -12.05 0.10 7.18
C LEU B 158 -13.00 -0.44 8.23
N ASN B 159 -12.74 -0.19 9.50
CA ASN B 159 -13.60 -0.71 10.56
C ASN B 159 -14.74 0.22 10.94
N ASN B 160 -15.61 -0.24 11.82
CA ASN B 160 -16.80 0.53 12.24
C ASN B 160 -16.42 1.84 12.90
N SER B 161 -15.38 1.85 13.71
CA SER B 161 -14.95 3.09 14.31
C SER B 161 -14.58 4.15 13.25
N PHE B 162 -13.89 3.79 12.18
CA PHE B 162 -13.61 4.77 11.15
C PHE B 162 -14.85 5.50 10.58
N TYR B 163 -15.92 4.74 10.29
CA TYR B 163 -17.14 5.26 9.74
C TYR B 163 -17.87 6.17 10.73
N LEU B 164 -17.84 5.82 12.02
CA LEU B 164 -18.37 6.69 13.10
C LEU B 164 -17.52 7.93 13.46
N LYS B 165 -16.19 7.83 13.50
CA LYS B 165 -15.36 8.98 13.85
C LYS B 165 -15.40 10.03 12.76
N THR B 166 -15.47 9.61 11.48
CA THR B 166 -15.51 10.52 10.33
C THR B 166 -16.93 10.95 9.83
N GLU B 167 -17.95 10.51 10.53
CA GLU B 167 -19.29 10.79 10.16
C GLU B 167 -19.52 10.56 8.70
N SER B 168 -19.25 9.34 8.27
CA SER B 168 -19.48 8.91 6.92
C SER B 168 -20.95 8.57 6.80
N PRO B 169 -21.50 8.62 5.60
CA PRO B 169 -22.89 8.26 5.38
C PRO B 169 -23.31 6.95 5.96
N LEU B 170 -22.51 5.91 5.82
CA LEU B 170 -22.92 4.61 6.37
C LEU B 170 -23.04 4.67 7.87
N GLY B 171 -22.09 5.34 8.50
CA GLY B 171 -22.13 5.56 9.92
C GLY B 171 -23.27 6.42 10.39
N ILE B 172 -23.63 7.43 9.63
CA ILE B 172 -24.73 8.32 9.98
C ILE B 172 -25.99 7.54 9.91
N LEU B 173 -26.10 6.74 8.88
CA LEU B 173 -27.26 5.93 8.68
C LEU B 173 -27.49 4.97 9.82
N SER B 174 -26.43 4.36 10.33
CA SER B 174 -26.60 3.45 11.40
C SER B 174 -26.70 4.18 12.73
N SER B 175 -26.10 5.36 12.81
CA SER B 175 -26.23 6.16 14.03
C SER B 175 -27.71 6.49 14.14
N ALA B 176 -28.30 6.97 13.06
CA ALA B 176 -29.70 7.28 13.02
C ALA B 176 -30.62 6.13 13.38
N SER B 177 -30.31 4.90 13.04
CA SER B 177 -31.24 3.82 13.37
C SER B 177 -30.95 2.97 14.59
N GLY B 178 -30.02 3.37 15.43
CA GLY B 178 -29.73 2.59 16.62
C GLY B 178 -28.61 1.56 16.67
N ASN B 179 -28.19 1.01 15.53
CA ASN B 179 -27.14 -0.01 15.56
C ASN B 179 -25.75 0.52 15.26
N THR B 180 -24.81 0.35 16.18
CA THR B 180 -23.45 0.81 15.98
C THR B 180 -22.60 -0.13 15.14
N SER B 181 -23.18 -1.25 14.81
CA SER B 181 -22.57 -2.31 13.96
C SER B 181 -22.65 -1.96 12.49
N VAL B 182 -21.92 -0.91 12.14
CA VAL B 182 -22.11 -0.19 10.85
C VAL B 182 -21.90 -1.12 9.69
N LEU B 183 -20.77 -1.84 9.69
CA LEU B 183 -20.49 -2.80 8.56
C LEU B 183 -21.46 -3.99 8.52
N GLU B 184 -21.75 -4.55 9.68
CA GLU B 184 -22.47 -5.83 9.74
C GLU B 184 -23.89 -5.61 9.28
N VAL B 185 -24.51 -4.46 9.64
CA VAL B 185 -25.84 -4.12 9.03
C VAL B 185 -25.69 -4.07 7.52
N HIS B 186 -24.62 -3.47 7.02
CA HIS B 186 -24.43 -3.36 5.55
C HIS B 186 -24.22 -4.71 4.87
N HIS B 187 -23.39 -5.60 5.42
CA HIS B 187 -23.27 -6.96 4.85
C HIS B 187 -24.68 -7.66 4.83
N CYS B 188 -25.47 -7.52 5.89
CA CYS B 188 -26.77 -8.15 5.90
C CYS B 188 -27.67 -7.57 4.78
N ASN B 189 -27.71 -6.24 4.66
CA ASN B 189 -28.58 -5.62 3.61
C ASN B 189 -28.17 -6.20 2.27
N LEU B 190 -26.88 -6.41 2.02
CA LEU B 190 -26.44 -6.95 0.72
C LEU B 190 -26.69 -8.43 0.54
N ALA B 191 -26.66 -9.17 1.65
CA ALA B 191 -26.98 -10.58 1.55
C ALA B 191 -28.45 -10.74 1.12
N VAL B 192 -29.33 -10.01 1.85
CA VAL B 192 -30.76 -10.02 1.56
C VAL B 192 -31.00 -9.61 0.11
N GLU B 193 -30.22 -8.64 -0.36
CA GLU B 193 -30.32 -8.21 -1.76
C GLU B 193 -29.94 -9.33 -2.72
N ILE B 194 -28.85 -10.06 -2.50
CA ILE B 194 -28.44 -11.15 -3.41
C ILE B 194 -29.45 -12.29 -3.43
N LEU B 195 -30.17 -12.50 -2.32
CA LEU B 195 -31.11 -13.62 -2.20
C LEU B 195 -32.50 -13.24 -2.70
N SER B 196 -32.76 -11.94 -2.85
CA SER B 196 -34.03 -11.41 -3.39
C SER B 196 -34.21 -11.83 -4.88
N ASP B 197 -33.10 -12.10 -5.57
CA ASP B 197 -33.08 -12.67 -6.90
C ASP B 197 -33.07 -14.24 -6.96
N PRO B 198 -34.21 -14.86 -7.38
CA PRO B 198 -34.31 -16.34 -7.49
C PRO B 198 -33.17 -17.06 -8.23
N GLU B 199 -32.49 -16.36 -9.13
CA GLU B 199 -31.27 -16.89 -9.80
C GLU B 199 -30.15 -17.26 -8.83
N SER B 200 -30.11 -16.59 -7.67
CA SER B 200 -29.03 -16.81 -6.72
C SER B 200 -29.63 -17.10 -5.32
N ASP B 201 -30.91 -17.47 -5.24
CA ASP B 201 -31.58 -17.63 -3.96
C ASP B 201 -31.45 -19.08 -3.51
N VAL B 202 -30.31 -19.35 -2.86
CA VAL B 202 -30.01 -20.66 -2.28
C VAL B 202 -31.01 -21.19 -1.19
N PHE B 203 -31.90 -20.32 -0.68
CA PHE B 203 -32.95 -20.64 0.27
C PHE B 203 -34.37 -20.65 -0.37
N ASP B 204 -34.43 -20.57 -1.69
CA ASP B 204 -35.70 -20.59 -2.39
C ASP B 204 -36.38 -21.96 -2.31
N GLY B 205 -35.58 -23.03 -2.16
CA GLY B 205 -36.08 -24.37 -1.93
C GLY B 205 -36.72 -24.65 -0.57
N LEU B 206 -36.91 -23.66 0.29
CA LEU B 206 -37.38 -23.83 1.66
C LEU B 206 -38.71 -23.15 1.84
N GLU B 207 -39.52 -23.58 2.79
CA GLU B 207 -40.86 -23.01 2.97
C GLU B 207 -41.08 -22.76 4.42
N GLY B 208 -42.05 -21.91 4.73
CA GLY B 208 -42.52 -21.65 6.12
C GLY B 208 -41.39 -21.38 7.10
N ALA B 209 -41.43 -22.07 8.22
CA ALA B 209 -40.53 -21.94 9.36
C ALA B 209 -39.07 -22.11 8.97
N GLU B 210 -38.82 -23.01 8.03
CA GLU B 210 -37.48 -23.29 7.55
C GLU B 210 -36.91 -22.09 6.84
N ARG B 211 -37.71 -21.46 6.01
CA ARG B 211 -37.25 -20.29 5.32
C ARG B 211 -36.96 -19.15 6.29
N THR B 212 -37.86 -18.92 7.21
CA THR B 212 -37.69 -17.88 8.16
C THR B 212 -36.47 -18.09 9.01
N LEU B 213 -36.22 -19.31 9.43
CA LEU B 213 -35.05 -19.59 10.21
C LEU B 213 -33.78 -19.32 9.43
N ALA B 214 -33.78 -19.68 8.17
CA ALA B 214 -32.60 -19.46 7.39
C ALA B 214 -32.23 -18.01 7.29
N PHE B 215 -33.20 -17.14 7.07
CA PHE B 215 -32.87 -15.70 6.93
C PHE B 215 -32.50 -15.14 8.29
N ARG B 216 -33.27 -15.50 9.30
CA ARG B 216 -33.09 -14.96 10.63
C ARG B 216 -31.75 -15.38 11.30
N SER B 217 -31.40 -16.65 11.13
CA SER B 217 -30.16 -17.17 11.67
C SER B 217 -28.99 -16.57 10.91
N MET B 218 -29.08 -16.49 9.59
CA MET B 218 -28.04 -15.84 8.78
C MET B 218 -27.73 -14.41 9.29
N ILE B 219 -28.80 -13.64 9.55
CA ILE B 219 -28.71 -12.26 9.94
C ILE B 219 -28.17 -12.17 11.35
N ASP B 220 -28.73 -12.96 12.29
CA ASP B 220 -28.20 -13.01 13.67
C ASP B 220 -26.69 -13.31 13.67
N CYS B 221 -26.26 -14.25 12.81
CA CYS B 221 -24.84 -14.62 12.76
C CYS B 221 -23.96 -13.48 12.26
N VAL B 222 -24.36 -12.86 11.17
CA VAL B 222 -23.56 -11.72 10.64
C VAL B 222 -23.43 -10.59 11.66
N LEU B 223 -24.54 -10.24 12.31
CA LEU B 223 -24.51 -9.20 13.32
C LEU B 223 -23.61 -9.51 14.46
N ALA B 224 -23.52 -10.78 14.84
CA ALA B 224 -22.69 -11.20 15.94
C ALA B 224 -21.21 -11.17 15.65
N THR B 225 -20.83 -10.94 14.40
CA THR B 225 -19.44 -10.85 14.04
C THR B 225 -18.74 -9.52 14.40
N ASP B 226 -19.49 -8.53 14.87
CA ASP B 226 -18.86 -7.30 15.28
C ASP B 226 -18.06 -7.58 16.54
N MET B 227 -16.78 -7.33 16.48
CA MET B 227 -15.88 -7.58 17.59
C MET B 227 -16.22 -6.74 18.80
N ALA B 228 -16.71 -5.54 18.58
CA ALA B 228 -17.17 -4.68 19.69
C ALA B 228 -18.01 -5.46 20.67
N LYS B 229 -18.74 -6.43 20.13
CA LYS B 229 -19.64 -7.32 20.85
C LYS B 229 -19.15 -8.75 21.13
N HIS B 230 -17.85 -8.96 21.09
CA HIS B 230 -17.25 -10.26 21.30
C HIS B 230 -17.56 -10.86 22.66
N GLY B 231 -17.35 -10.04 23.68
CA GLY B 231 -17.50 -10.43 25.08
C GLY B 231 -18.86 -10.96 25.36
N SER B 232 -19.86 -10.15 25.00
CA SER B 232 -21.25 -10.53 25.20
C SER B 232 -21.74 -11.77 24.47
N ALA B 233 -21.26 -11.99 23.24
CA ALA B 233 -21.60 -13.19 22.49
C ALA B 233 -20.96 -14.39 23.17
N LEU B 234 -19.75 -14.24 23.70
CA LEU B 234 -19.08 -15.38 24.31
C LEU B 234 -19.82 -15.76 25.57
N GLU B 235 -20.08 -14.74 26.38
CA GLU B 235 -20.84 -14.88 27.62
C GLU B 235 -22.14 -15.62 27.37
N ALA B 236 -22.94 -15.12 26.45
CA ALA B 236 -24.20 -15.73 26.13
C ALA B 236 -24.07 -17.17 25.67
N PHE B 237 -23.02 -17.50 24.94
CA PHE B 237 -22.89 -18.87 24.53
C PHE B 237 -22.59 -19.76 25.71
N LEU B 238 -21.67 -19.35 26.55
CA LEU B 238 -21.27 -20.15 27.70
C LEU B 238 -22.46 -20.45 28.59
N ALA B 239 -23.31 -19.45 28.75
CA ALA B 239 -24.50 -19.51 29.57
C ALA B 239 -25.46 -20.47 28.99
N SER B 240 -25.71 -20.36 27.71
CA SER B 240 -26.61 -21.27 27.05
C SER B 240 -26.07 -22.67 26.94
N ALA B 241 -24.76 -22.84 26.94
CA ALA B 241 -24.10 -24.13 26.87
C ALA B 241 -24.15 -24.89 28.19
N ALA B 242 -24.38 -24.17 29.26
CA ALA B 242 -24.46 -24.72 30.61
C ALA B 242 -25.89 -25.08 30.97
N ASP B 243 -26.80 -24.82 30.05
CA ASP B 243 -28.20 -25.06 30.21
C ASP B 243 -28.77 -25.25 28.82
N GLN B 244 -28.28 -26.25 28.12
CA GLN B 244 -28.74 -26.53 26.78
C GLN B 244 -30.18 -27.00 26.80
N SER B 245 -30.47 -28.00 27.61
CA SER B 245 -31.81 -28.58 27.70
C SER B 245 -32.93 -27.62 28.07
N SER B 246 -32.61 -26.63 28.88
CA SER B 246 -33.56 -25.63 29.33
C SER B 246 -34.09 -24.82 28.16
N ASP B 247 -33.25 -24.53 27.17
CA ASP B 247 -33.70 -23.79 25.99
C ASP B 247 -32.87 -24.18 24.79
N GLU B 248 -33.29 -25.22 24.10
CA GLU B 248 -32.57 -25.71 22.95
C GLU B 248 -32.47 -24.76 21.79
N ALA B 249 -33.51 -23.99 21.53
CA ALA B 249 -33.48 -23.11 20.38
C ALA B 249 -32.43 -22.03 20.53
N ALA B 250 -32.32 -21.51 21.72
CA ALA B 250 -31.36 -20.51 22.04
C ALA B 250 -29.97 -21.06 21.88
N PHE B 251 -29.76 -22.27 22.35
CA PHE B 251 -28.48 -22.91 22.24
C PHE B 251 -28.08 -23.13 20.80
N HIS B 252 -29.02 -23.54 19.99
CA HIS B 252 -28.75 -23.76 18.60
C HIS B 252 -28.33 -22.45 17.96
N ARG B 253 -29.02 -21.36 18.28
CA ARG B 253 -28.73 -20.08 17.61
C ARG B 253 -27.40 -19.48 18.08
N MET B 254 -27.09 -19.64 19.35
CA MET B 254 -25.80 -19.21 19.89
C MET B 254 -24.62 -20.06 19.37
N THR B 255 -24.83 -21.34 19.11
CA THR B 255 -23.81 -22.19 18.57
C THR B 255 -23.48 -21.75 17.13
N MET B 256 -24.52 -21.39 16.37
CA MET B 256 -24.28 -20.81 15.07
C MET B 256 -23.47 -19.51 15.16
N GLU B 257 -23.87 -18.59 15.99
CA GLU B 257 -23.16 -17.34 16.13
C GLU B 257 -21.72 -17.54 16.54
N ILE B 258 -21.50 -18.42 17.48
CA ILE B 258 -20.18 -18.70 17.98
C ILE B 258 -19.28 -19.42 16.96
N ILE B 259 -19.86 -20.23 16.10
CA ILE B 259 -19.09 -20.92 15.10
C ILE B 259 -18.67 -19.95 14.00
N LEU B 260 -19.53 -19.01 13.65
CA LEU B 260 -19.17 -18.03 12.66
C LEU B 260 -18.08 -17.15 13.24
N LYS B 261 -18.24 -16.80 14.50
CA LYS B 261 -17.19 -16.00 15.15
C LYS B 261 -15.88 -16.70 15.16
N ALA B 262 -15.98 -18.00 15.44
CA ALA B 262 -14.82 -18.87 15.54
C ALA B 262 -14.05 -18.90 14.22
N GLY B 263 -14.79 -19.18 13.17
CA GLY B 263 -14.30 -19.10 11.82
C GLY B 263 -13.65 -17.75 11.50
N ASP B 264 -14.28 -16.65 11.96
CA ASP B 264 -13.73 -15.31 11.68
C ASP B 264 -12.41 -15.03 12.43
N ILE B 265 -12.23 -15.59 13.64
CA ILE B 265 -10.95 -15.42 14.34
C ILE B 265 -10.05 -16.66 14.25
N SER B 266 -10.19 -17.44 13.19
CA SER B 266 -9.59 -18.77 13.10
C SER B 266 -8.17 -18.77 12.58
N ASN B 267 -7.66 -17.60 12.13
CA ASN B 267 -6.38 -17.58 11.41
C ASN B 267 -5.23 -18.12 12.30
N VAL B 268 -5.30 -17.82 13.59
CA VAL B 268 -4.30 -18.25 14.52
C VAL B 268 -4.37 -19.76 14.87
N THR B 269 -5.38 -20.47 14.35
CA THR B 269 -5.56 -21.91 14.56
C THR B 269 -4.92 -22.74 13.44
N LYS B 270 -4.26 -22.09 12.47
CA LYS B 270 -3.84 -22.82 11.25
C LYS B 270 -2.32 -23.17 11.39
N PRO B 271 -1.80 -24.08 10.53
CA PRO B 271 -0.29 -24.25 10.44
C PRO B 271 0.42 -22.88 10.31
N PHE B 272 1.50 -22.68 11.07
CA PHE B 272 2.16 -21.40 11.28
C PHE B 272 2.35 -20.63 10.01
N ASP B 273 2.83 -21.33 9.00
CA ASP B 273 3.06 -20.67 7.75
C ASP B 273 1.77 -20.00 7.17
N ILE B 274 0.62 -20.68 7.26
CA ILE B 274 -0.63 -20.11 6.75
C ILE B 274 -1.05 -18.92 7.67
N SER B 275 -0.98 -19.18 8.96
CA SER B 275 -1.25 -18.20 9.98
C SER B 275 -0.45 -16.86 9.83
N ARG B 276 0.80 -16.97 9.40
CA ARG B 276 1.71 -15.81 9.20
C ARG B 276 1.23 -15.04 8.01
N GLN B 277 0.84 -15.74 6.98
CA GLN B 277 0.39 -15.08 5.80
C GLN B 277 -0.91 -14.27 6.06
N TRP B 278 -1.83 -14.84 6.84
CA TRP B 278 -3.03 -14.08 7.30
C TRP B 278 -2.61 -12.85 8.10
N ALA B 279 -1.68 -13.02 9.04
CA ALA B 279 -1.28 -11.90 9.89
C ALA B 279 -0.70 -10.74 9.02
N MET B 280 0.07 -11.09 7.99
CA MET B 280 0.65 -10.09 7.13
C MET B 280 -0.43 -9.31 6.42
N ALA B 281 -1.43 -10.00 5.87
CA ALA B 281 -2.51 -9.34 5.15
C ALA B 281 -3.38 -8.44 6.04
N VAL B 282 -3.71 -8.92 7.24
CA VAL B 282 -4.53 -8.10 8.15
C VAL B 282 -3.79 -6.89 8.62
N THR B 283 -2.51 -7.04 8.88
CA THR B 283 -1.66 -5.94 9.34
C THR B 283 -1.55 -4.85 8.23
N GLU B 284 -1.30 -5.23 6.99
CA GLU B 284 -1.35 -4.28 5.88
C GLU B 284 -2.69 -3.52 5.82
N GLU B 285 -3.81 -4.22 5.95
CA GLU B 285 -5.10 -3.57 5.89
C GLU B 285 -5.27 -2.55 7.03
N PHE B 286 -4.93 -2.94 8.24
CA PHE B 286 -5.01 -1.98 9.33
C PHE B 286 -4.09 -0.74 9.11
N TYR B 287 -2.91 -0.99 8.61
CA TYR B 287 -1.96 0.08 8.40
C TYR B 287 -2.49 1.08 7.42
N ARG B 288 -3.19 0.61 6.41
CA ARG B 288 -3.78 1.46 5.41
C ARG B 288 -4.87 2.31 6.03
N GLN B 289 -5.65 1.76 6.94
CA GLN B 289 -6.66 2.55 7.61
C GLN B 289 -5.96 3.64 8.36
N GLY B 290 -4.91 3.31 9.09
CA GLY B 290 -4.16 4.34 9.83
C GLY B 290 -3.55 5.45 8.97
N ASP B 291 -3.12 5.10 7.77
CA ASP B 291 -2.57 6.05 6.84
C ASP B 291 -3.69 6.99 6.46
N MET B 292 -4.87 6.46 6.18
CA MET B 292 -5.99 7.29 5.83
C MET B 292 -6.46 8.19 6.98
N GLU B 293 -6.35 7.69 8.19
CA GLU B 293 -6.71 8.47 9.34
C GLU B 293 -5.78 9.66 9.45
N LYS B 294 -4.48 9.45 9.37
CA LYS B 294 -3.52 10.54 9.35
C LYS B 294 -3.88 11.60 8.30
N GLU B 295 -4.25 11.19 7.09
CA GLU B 295 -4.62 12.15 6.06
C GLU B 295 -5.80 13.01 6.49
N ARG B 296 -6.82 12.36 7.02
CA ARG B 296 -8.04 12.95 7.51
C ARG B 296 -7.83 13.73 8.79
N GLY B 297 -6.72 13.54 9.48
CA GLY B 297 -6.55 14.24 10.71
C GLY B 297 -7.35 13.72 11.89
N VAL B 298 -7.72 12.44 11.88
CA VAL B 298 -8.43 11.85 13.00
C VAL B 298 -7.51 10.96 13.80
N GLU B 299 -8.02 10.46 14.90
CA GLU B 299 -7.26 9.63 15.80
C GLU B 299 -6.77 8.35 15.19
N VAL B 300 -5.52 8.02 15.45
CA VAL B 300 -4.97 6.78 14.96
C VAL B 300 -4.56 5.93 16.14
N LEU B 301 -5.23 4.81 16.33
CA LEU B 301 -4.86 3.93 17.40
C LEU B 301 -3.51 3.33 17.08
N PRO B 302 -2.73 3.02 18.10
CA PRO B 302 -1.36 2.45 17.91
C PRO B 302 -1.31 1.19 17.03
N MET B 303 -2.28 0.28 17.15
CA MET B 303 -2.29 -0.97 16.33
C MET B 303 -2.46 -0.70 14.82
N PHE B 304 -2.98 0.50 14.48
CA PHE B 304 -3.20 0.92 13.10
C PHE B 304 -2.08 1.81 12.55
N ASP B 305 -1.06 2.11 13.35
CA ASP B 305 -0.04 3.10 13.06
C ASP B 305 1.28 2.44 12.59
N ARG B 306 1.61 2.51 11.30
CA ARG B 306 2.93 2.11 10.78
C ARG B 306 4.15 2.68 11.55
N SER B 307 4.03 3.90 12.07
CA SER B 307 5.11 4.56 12.84
C SER B 307 5.54 3.96 14.20
N LYS B 308 4.88 2.92 14.70
CA LYS B 308 5.49 2.10 15.75
C LYS B 308 6.55 1.14 15.17
N ASN B 309 6.48 0.88 13.85
CA ASN B 309 7.09 -0.28 13.20
C ASN B 309 7.16 -1.51 14.15
N MET B 310 6.03 -1.78 14.80
CA MET B 310 5.87 -2.88 15.73
C MET B 310 6.05 -4.17 14.99
N GLU B 311 6.75 -5.12 15.59
CA GLU B 311 6.95 -6.40 14.94
C GLU B 311 5.63 -7.14 14.85
N LEU B 312 5.45 -7.81 13.73
CA LEU B 312 4.28 -8.59 13.47
C LEU B 312 4.05 -9.59 14.59
N ALA B 313 5.13 -10.21 15.04
CA ALA B 313 5.03 -11.16 16.13
C ALA B 313 4.45 -10.61 17.39
N LYS B 314 4.70 -9.35 17.68
CA LYS B 314 4.15 -8.79 18.90
C LYS B 314 2.62 -8.68 18.81
N GLY B 315 2.07 -8.32 17.65
CA GLY B 315 0.63 -8.09 17.55
C GLY B 315 -0.11 -9.42 17.55
N GLN B 316 0.46 -10.40 16.89
CA GLN B 316 -0.11 -11.74 16.93
C GLN B 316 -0.13 -12.37 18.34
N ILE B 317 0.92 -12.16 19.12
CA ILE B 317 0.95 -12.63 20.51
C ILE B 317 -0.09 -11.96 21.39
N GLY B 318 -0.25 -10.65 21.24
CA GLY B 318 -1.26 -9.90 21.98
C GLY B 318 -2.68 -10.37 21.62
N PHE B 319 -2.92 -10.60 20.33
CA PHE B 319 -4.22 -11.06 19.84
C PHE B 319 -4.52 -12.47 20.39
N ILE B 320 -3.53 -13.38 20.28
CA ILE B 320 -3.58 -14.73 20.88
C ILE B 320 -3.89 -14.65 22.36
N ASP B 321 -3.13 -13.86 23.11
CA ASP B 321 -3.30 -13.84 24.59
C ASP B 321 -4.62 -13.20 25.00
N PHE B 322 -4.98 -12.06 24.42
CA PHE B 322 -6.19 -11.35 24.87
C PHE B 322 -7.51 -11.68 24.13
N VAL B 323 -7.47 -12.36 22.98
CA VAL B 323 -8.73 -12.68 22.28
C VAL B 323 -8.77 -14.14 21.98
N ALA B 324 -7.88 -14.61 21.13
CA ALA B 324 -8.11 -15.90 20.54
C ALA B 324 -7.90 -17.14 21.44
N ALA B 325 -6.83 -17.20 22.26
CA ALA B 325 -6.62 -18.41 23.09
C ALA B 325 -7.69 -18.56 24.19
N PRO B 326 -8.08 -17.46 24.84
CA PRO B 326 -9.20 -17.62 25.76
C PRO B 326 -10.46 -18.08 25.05
N PHE B 327 -10.68 -17.61 23.80
CA PHE B 327 -11.99 -17.80 23.12
C PHE B 327 -12.10 -19.23 22.84
N PHE B 328 -11.09 -19.76 22.18
CA PHE B 328 -11.11 -21.13 21.72
C PHE B 328 -11.02 -22.12 22.91
N GLN B 329 -10.26 -21.78 23.95
CA GLN B 329 -10.21 -22.63 25.18
C GLN B 329 -11.58 -22.72 25.84
N LYS B 330 -12.22 -21.59 25.99
CA LYS B 330 -13.51 -21.55 26.63
C LYS B 330 -14.61 -22.28 25.92
N ILE B 331 -14.70 -22.19 24.61
CA ILE B 331 -15.78 -22.86 23.92
C ILE B 331 -15.53 -24.33 23.82
N VAL B 332 -14.27 -24.70 23.78
CA VAL B 332 -13.92 -26.10 23.67
C VAL B 332 -14.24 -26.83 24.97
N ASP B 333 -14.00 -26.17 26.08
CA ASP B 333 -14.25 -26.72 27.38
C ASP B 333 -15.73 -26.65 27.70
N ALA B 334 -16.41 -25.61 27.23
CA ALA B 334 -17.82 -25.46 27.47
C ALA B 334 -18.59 -26.62 26.90
N CYS B 335 -18.34 -26.95 25.64
CA CYS B 335 -18.97 -28.05 24.93
C CYS B 335 -18.42 -28.48 23.61
N LEU B 336 -17.54 -27.72 23.02
CA LEU B 336 -17.04 -28.08 21.70
C LEU B 336 -15.74 -28.84 21.77
N GLN B 337 -15.80 -29.99 22.41
CA GLN B 337 -14.63 -30.79 22.67
C GLN B 337 -13.90 -31.33 21.50
N GLY B 338 -14.56 -31.46 20.37
CA GLY B 338 -13.92 -31.92 19.18
C GLY B 338 -13.04 -30.88 18.51
N MET B 339 -13.15 -29.63 18.88
CA MET B 339 -12.33 -28.59 18.31
C MET B 339 -11.08 -28.31 19.15
N GLN B 340 -10.58 -29.29 19.87
CA GLN B 340 -9.40 -29.13 20.69
C GLN B 340 -8.16 -28.80 19.88
N TRP B 341 -8.05 -29.29 18.66
CA TRP B 341 -6.92 -29.00 17.82
C TRP B 341 -6.70 -27.52 17.63
N THR B 342 -7.71 -26.70 17.83
CA THR B 342 -7.57 -25.26 17.72
C THR B 342 -6.75 -24.72 18.88
N VAL B 343 -7.04 -25.20 20.06
CA VAL B 343 -6.27 -24.81 21.24
C VAL B 343 -4.79 -25.26 21.08
N ASP B 344 -4.58 -26.48 20.59
CA ASP B 344 -3.24 -27.01 20.39
C ASP B 344 -2.46 -26.18 19.36
N ARG B 345 -3.11 -25.73 18.29
CA ARG B 345 -2.34 -25.03 17.33
C ARG B 345 -2.09 -23.56 17.71
N ILE B 346 -3.00 -22.97 18.47
CA ILE B 346 -2.73 -21.64 18.97
C ILE B 346 -1.48 -21.61 19.88
N LYS B 347 -1.40 -22.52 20.86
CA LYS B 347 -0.23 -22.55 21.80
C LYS B 347 1.07 -22.78 20.98
N SER B 348 1.03 -23.70 20.05
CA SER B 348 2.15 -23.96 19.16
C SER B 348 2.54 -22.78 18.22
N ASN B 349 1.54 -22.09 17.66
CA ASN B 349 1.80 -20.83 16.90
C ASN B 349 2.43 -19.75 17.75
N ARG B 350 1.91 -19.58 18.94
CA ARG B 350 2.39 -18.57 19.84
C ARG B 350 3.85 -18.78 20.25
N ALA B 351 4.22 -20.05 20.43
CA ALA B 351 5.64 -20.33 20.75
C ALA B 351 6.44 -20.00 19.54
N GLN B 352 5.99 -20.40 18.35
CA GLN B 352 6.76 -20.01 17.17
C GLN B 352 6.90 -18.49 16.94
N TRP B 353 5.92 -17.66 17.36
CA TRP B 353 6.03 -16.20 17.25
C TRP B 353 7.09 -15.71 18.24
N GLU B 354 7.11 -16.29 19.42
CA GLU B 354 8.07 -15.88 20.42
C GLU B 354 9.49 -16.17 20.01
N ARG B 355 9.70 -17.27 19.31
CA ARG B 355 10.99 -17.56 18.70
C ARG B 355 11.37 -16.52 17.69
N VAL B 356 10.42 -16.13 16.87
CA VAL B 356 10.68 -15.16 15.84
C VAL B 356 11.07 -13.86 16.52
N LEU B 357 10.59 -13.62 17.72
CA LEU B 357 10.97 -12.42 18.39
C LEU B 357 12.44 -12.56 18.80
N GLU B 358 12.80 -13.67 19.42
CA GLU B 358 14.18 -13.83 19.84
C GLU B 358 15.09 -13.79 18.62
C1 D62 C . 4.01 15.42 -4.52
N2 D62 C . 5.55 20.43 -11.34
C3 D62 C . 5.38 16.77 -6.60
C4 D62 C . 6.00 17.56 -7.54
C5 D62 C . 5.26 18.27 -8.47
C6 D62 C . 5.90 19.13 -9.50
C12 D62 C . -1.05 18.06 -13.85
C13 D62 C . -1.36 18.53 -11.48
C14 D62 C . -0.19 19.02 -11.91
C15 D62 C . -0.03 18.82 -13.33
C16 D62 C . 3.44 19.68 -14.36
C17 D62 C . 4.45 19.47 -13.28
C18 D62 C . 6.84 20.83 -11.46
C20 D62 C . 9.22 20.84 -10.44
C21 D62 C . 9.89 19.63 -11.00
C22 D62 C . 9.37 18.41 -10.99
C23 D62 C . 8.03 18.09 -10.40
C26 D62 C . 3.21 17.37 -7.49
O1 D62 C . 3.28 15.87 -5.67
C2 D62 C . 3.99 16.64 -6.57
N1 D62 C . 5.07 19.71 -10.31
C7 D62 C . 4.51 20.70 -12.38
C8 D62 C . 3.14 21.03 -11.81
C9 D62 C . 2.06 21.11 -12.87
N3 D62 C . 2.10 19.95 -13.78
C10 D62 C . 1.00 19.22 -14.20
N4 D62 C . 0.91 18.85 -15.51
C11 D62 C . -0.15 18.10 -15.94
N5 D62 C . -0.21 17.76 -17.26
N6 D62 C . -1.15 17.69 -15.15
S1 D62 C . -2.22 17.65 -12.69
O2 D62 C . 7.25 21.25 -12.53
C19 D62 C . 7.71 20.65 -10.22
C24 D62 C . 7.41 19.26 -9.60
C25 D62 C . 3.85 18.17 -8.44
O3 D62 C . 1.85 17.22 -7.36
C27 D62 C . 0.97 18.08 -8.09
ZN ZN D . 13.85 18.62 -8.32
MG MG E . 14.02 21.52 -10.84
C GAI F . 18.88 0.36 -27.84
N1 GAI F . 17.86 0.99 -27.65
N2 GAI F . 19.17 -0.61 -27.01
N3 GAI F . 19.67 0.65 -28.84
C1 GOL G . 27.86 -1.02 -14.40
O1 GOL G . 26.88 -0.01 -14.36
C2 GOL G . 27.24 -2.41 -14.50
O2 GOL G . 27.22 -2.84 -15.85
C3 GOL G . 27.97 -3.41 -13.65
O3 GOL G . 27.87 -4.75 -14.16
C1 D62 H . -4.43 -12.83 11.81
N2 D62 H . -10.32 -7.34 15.00
C3 D62 H . -6.95 -11.58 12.35
C4 D62 H . -8.08 -10.82 12.54
C5 D62 H . -8.06 -9.74 13.42
C6 D62 H . -9.26 -8.93 13.73
C12 D62 H . -4.87 -6.41 18.26
C13 D62 H . -4.75 -5.11 16.16
C14 D62 H . -6.02 -5.26 16.56
C15 D62 H . -6.13 -5.96 17.84
C16 D62 H . -9.66 -6.76 18.69
C17 D62 H . -9.94 -7.54 17.44
C18 D62 H . -11.42 -7.22 14.15
C20 D62 H . -12.70 -8.21 12.16
C21 D62 H . -13.37 -9.41 12.73
C22 D62 H . -12.76 -10.35 13.41
C23 D62 H . -11.29 -10.35 13.70
C26 D62 H . -5.73 -10.15 13.85
O1 D62 H . -4.56 -11.87 12.86
C2 D62 H . -5.76 -11.24 12.98
N1 D62 H . -9.16 -8.05 14.66
C7 D62 H . -10.27 -6.60 16.29
C8 D62 H . -9.36 -5.38 16.18
C9 D62 H . -8.97 -4.78 17.53
N3 D62 H . -8.55 -5.87 18.41
C10 D62 H . -7.25 -6.20 18.72
N4 D62 H . -7.03 -6.91 19.87
C11 D62 H . -5.77 -7.30 20.18
N5 D62 H . -5.60 -7.94 21.36
N6 D62 H . -4.67 -7.09 19.40
S1 D62 H . -3.62 -6.00 17.12
O2 D62 H . -12.39 -6.56 14.47
C19 D62 H . -11.35 -7.91 12.83
C24 D62 H . -10.54 -9.22 13.00
C25 D62 H . -6.87 -9.40 14.04
O3 D62 H . -4.50 -9.89 14.37
C27 D62 H . -4.33 -8.77 15.24
ZN ZN I . -14.82 -11.70 8.55
MG MG J . -16.79 -8.58 9.50
#